data_3UND
#
_entry.id   3UND
#
_cell.length_a   46.840
_cell.length_b   146.240
_cell.length_c   178.940
_cell.angle_alpha   90.000
_cell.angle_beta   90.000
_cell.angle_gamma   90.000
#
_symmetry.space_group_name_H-M   'P 21 21 21'
#
loop_
_entity.id
_entity.type
_entity.pdbx_description
1 polymer '2-dehydro-3-deoxyphosphooctonate aldolase 2'
2 non-polymer ARABINOSE-5-PHOSPHATE
3 non-polymer PHOSPHOENOLPYRUVATE
4 non-polymer '3-deoxy-8-O-phosphono-D-manno-oct-2-ulosonic acid'
5 non-polymer 1,2-ETHANEDIOL
6 water water
#
_entity_poly.entity_id   1
_entity_poly.type   'polypeptide(L)'
_entity_poly.pdbx_seq_one_letter_code
;GPGSMNVAISPGVTAGNSLPFVLFGGINVLESLDFTLDVCGEYVAVTRKLGIPFVFKASFDKANRSSIHSYRGVGLDEGL
KIFAEVKARFGVPVITDVHEAEQAAPVAEIADVLQVPAFLARQTDLVVAIAKAGKPVNVKKPQFMSPTQLKHVVSKCGEV
GNDRVMLCERGSSFGYDNLVVDMLGFRQMAETTGGCPVIFDVTHSLQCRDPLGDASGGRRRQVLDLARAGIAVGIAGLFL
EAHPDPDRARCDGPSALPLHQLEGLLSQMKAIDDLVKRMPALEIR
;
_entity_poly.pdbx_strand_id   A,B,C,D
#
# COMPACT_ATOMS: atom_id res chain seq x y z
N GLY A 3 23.31 -15.50 -15.68
CA GLY A 3 23.46 -14.10 -16.18
C GLY A 3 24.28 -13.24 -15.24
N SER A 4 24.55 -13.73 -14.02
CA SER A 4 25.16 -12.94 -12.93
C SER A 4 26.37 -12.10 -13.47
N MET A 5 26.49 -10.85 -13.03
CA MET A 5 27.63 -9.98 -13.40
C MET A 5 28.41 -9.61 -12.14
N ASN A 6 29.73 -9.63 -12.21
CA ASN A 6 30.56 -9.29 -11.06
C ASN A 6 31.14 -7.86 -11.23
N VAL A 7 31.14 -7.07 -10.17
CA VAL A 7 31.64 -5.69 -10.24
C VAL A 7 32.90 -5.56 -9.36
N ALA A 8 34.04 -5.32 -10.01
CA ALA A 8 35.34 -5.15 -9.32
C ALA A 8 35.31 -3.73 -8.75
N ILE A 9 35.48 -3.61 -7.43
CA ILE A 9 35.47 -2.31 -6.74
C ILE A 9 36.89 -1.85 -6.41
N SER A 10 37.72 -2.76 -5.93
CA SER A 10 39.12 -2.49 -5.61
C SER A 10 39.82 -3.82 -5.42
N PRO A 11 41.16 -3.80 -5.27
CA PRO A 11 41.85 -5.10 -5.12
C PRO A 11 41.28 -5.94 -3.95
N GLY A 12 40.85 -7.16 -4.25
CA GLY A 12 40.29 -8.06 -3.27
C GLY A 12 38.84 -7.78 -2.90
N VAL A 13 38.21 -6.79 -3.56
CA VAL A 13 36.81 -6.49 -3.33
C VAL A 13 36.06 -6.49 -4.67
N THR A 14 35.27 -7.55 -4.86
CA THR A 14 34.40 -7.71 -6.02
C THR A 14 33.03 -8.11 -5.54
N ALA A 15 32.00 -7.42 -6.03
CA ALA A 15 30.60 -7.75 -5.66
C ALA A 15 29.93 -8.53 -6.77
N GLY A 16 29.21 -9.59 -6.40
CA GLY A 16 28.43 -10.35 -7.39
C GLY A 16 27.47 -11.27 -6.70
N ASN A 17 26.34 -11.54 -7.35
CA ASN A 17 25.25 -12.24 -6.67
C ASN A 17 25.60 -13.66 -6.25
N SER A 18 26.64 -14.23 -6.87
CA SER A 18 27.00 -15.60 -6.54
C SER A 18 28.26 -15.63 -5.71
N LEU A 19 28.83 -14.45 -5.44
CA LEU A 19 30.07 -14.32 -4.67
C LEU A 19 29.80 -14.12 -3.18
N PRO A 20 30.84 -14.32 -2.33
CA PRO A 20 30.61 -14.02 -0.92
C PRO A 20 30.19 -12.57 -0.78
N PHE A 21 29.25 -12.30 0.12
CA PHE A 21 28.67 -10.95 0.18
C PHE A 21 29.74 -9.93 0.53
N VAL A 22 29.59 -8.72 -0.01
CA VAL A 22 30.44 -7.57 0.37
C VAL A 22 29.71 -6.67 1.34
N LEU A 23 30.36 -6.21 2.39
CA LEU A 23 29.75 -5.27 3.31
C LEU A 23 30.08 -3.89 2.92
N PHE A 24 29.03 -3.10 2.67
CA PHE A 24 29.14 -1.64 2.43
C PHE A 24 28.69 -1.03 3.74
N GLY A 25 29.64 -0.80 4.62
CA GLY A 25 29.33 -0.45 5.99
C GLY A 25 29.97 0.84 6.40
N GLY A 26 29.31 1.57 7.27
CA GLY A 26 29.96 2.72 7.88
C GLY A 26 28.99 3.50 8.73
N ILE A 27 28.90 4.79 8.43
CA ILE A 27 28.16 5.72 9.23
C ILE A 27 27.26 6.52 8.33
N ASN A 28 26.24 7.13 8.91
CA ASN A 28 25.33 7.90 8.09
C ASN A 28 25.98 9.15 7.43
N VAL A 29 26.66 9.95 8.22
CA VAL A 29 27.09 11.28 7.81
C VAL A 29 28.47 11.61 8.35
N LEU A 30 29.32 12.25 7.55
CA LEU A 30 30.63 12.67 8.03
C LEU A 30 30.49 13.86 8.93
N GLU A 31 31.01 13.77 10.17
CA GLU A 31 30.98 14.88 11.13
C GLU A 31 32.37 15.45 11.44
N SER A 32 33.35 14.57 11.56
CA SER A 32 34.71 14.97 11.85
C SER A 32 35.64 13.87 11.44
N LEU A 33 36.91 14.25 11.29
CA LEU A 33 37.94 13.33 10.86
C LEU A 33 38.14 12.20 11.84
N ASP A 34 38.36 12.51 13.10
CA ASP A 34 38.76 11.47 14.07
C ASP A 34 37.67 10.46 14.32
N PHE A 35 36.43 10.92 14.45
CA PHE A 35 35.35 10.04 14.69
C PHE A 35 35.20 9.10 13.49
N THR A 36 35.28 9.65 12.29
CA THR A 36 35.20 8.82 11.10
C THR A 36 36.30 7.75 11.09
N LEU A 37 37.55 8.16 11.40
CA LEU A 37 38.67 7.22 11.40
C LEU A 37 38.46 6.14 12.45
N ASP A 38 38.01 6.54 13.64
CA ASP A 38 37.79 5.59 14.73
C ASP A 38 36.72 4.56 14.38
N VAL A 39 35.61 5.00 13.77
CA VAL A 39 34.55 4.05 13.47
C VAL A 39 35.00 3.13 12.32
N CYS A 40 35.59 3.71 11.29
CA CYS A 40 36.07 2.92 10.18
C CYS A 40 37.09 1.87 10.66
N GLY A 41 37.95 2.26 11.58
CA GLY A 41 38.94 1.34 12.14
C GLY A 41 38.29 0.12 12.75
N GLU A 42 37.16 0.34 13.44
CA GLU A 42 36.45 -0.75 14.02
C GLU A 42 35.92 -1.69 12.95
N TYR A 43 35.28 -1.12 11.90
CA TYR A 43 34.78 -1.94 10.80
C TYR A 43 35.92 -2.76 10.12
N VAL A 44 37.07 -2.13 9.92
CA VAL A 44 38.19 -2.74 9.23
C VAL A 44 38.69 -3.92 10.07
N ALA A 45 38.86 -3.71 11.38
CA ALA A 45 39.29 -4.77 12.27
C ALA A 45 38.28 -5.93 12.30
N VAL A 46 36.98 -5.62 12.38
CA VAL A 46 35.96 -6.67 12.50
C VAL A 46 35.87 -7.42 11.17
N THR A 47 35.80 -6.71 10.03
CA THR A 47 35.71 -7.42 8.75
C THR A 47 37.00 -8.21 8.42
N ARG A 48 38.17 -7.68 8.80
CA ARG A 48 39.44 -8.43 8.62
C ARG A 48 39.42 -9.73 9.43
N LYS A 49 38.96 -9.65 10.68
CA LYS A 49 38.91 -10.81 11.56
C LYS A 49 37.97 -11.90 11.00
N LEU A 50 36.84 -11.49 10.47
CA LEU A 50 35.83 -12.44 10.04
C LEU A 50 36.06 -12.86 8.61
N GLY A 51 36.85 -12.10 7.87
CA GLY A 51 37.12 -12.43 6.47
C GLY A 51 35.99 -12.03 5.52
N ILE A 52 35.46 -10.83 5.71
CA ILE A 52 34.35 -10.29 4.89
C ILE A 52 34.86 -9.09 4.06
N PRO A 53 34.67 -9.10 2.73
CA PRO A 53 35.12 -7.96 1.95
C PRO A 53 34.37 -6.69 2.33
N PHE A 54 35.08 -5.56 2.35
CA PHE A 54 34.60 -4.34 3.01
C PHE A 54 34.83 -3.07 2.18
N VAL A 55 33.77 -2.25 2.11
CA VAL A 55 33.80 -0.92 1.54
C VAL A 55 33.19 0.03 2.59
N PHE A 56 33.92 1.09 2.96
CA PHE A 56 33.42 2.01 3.99
C PHE A 56 32.43 3.04 3.40
N LYS A 57 31.30 3.22 4.05
CA LYS A 57 30.27 4.18 3.64
C LYS A 57 30.13 5.37 4.57
N ALA A 58 29.95 6.55 3.98
CA ALA A 58 29.51 7.74 4.71
C ALA A 58 29.01 8.73 3.69
N SER A 59 28.09 9.62 4.09
CA SER A 59 27.65 10.74 3.26
C SER A 59 28.42 12.02 3.66
N PHE A 60 28.92 12.75 2.68
CA PHE A 60 29.51 14.08 2.92
C PHE A 60 28.44 15.13 3.11
N ASP A 61 27.24 14.90 2.57
CA ASP A 61 26.10 15.80 2.71
C ASP A 61 24.83 14.99 2.78
N LYS A 62 23.92 15.43 3.66
CA LYS A 62 22.52 15.00 3.64
C LYS A 62 21.72 16.15 2.96
N ALA A 63 21.45 15.97 1.67
CA ALA A 63 20.84 17.00 0.83
C ALA A 63 19.32 16.99 0.89
N ASN A 64 18.75 16.05 1.63
CA ASN A 64 17.32 15.78 1.59
C ASN A 64 16.75 15.66 2.99
N ARG A 65 17.35 16.29 3.98
CA ARG A 65 16.72 16.25 5.29
C ARG A 65 15.32 16.81 5.19
N SER A 66 14.41 16.26 5.96
CA SER A 66 13.07 16.80 5.99
C SER A 66 13.10 18.28 6.42
N SER A 67 13.80 18.58 7.51
CA SER A 67 13.80 19.94 8.09
C SER A 67 15.04 20.76 7.70
N ILE A 68 14.79 22.04 7.38
CA ILE A 68 15.86 23.03 7.10
C ILE A 68 16.79 23.15 8.29
N HIS A 69 16.35 22.76 9.50
CA HIS A 69 17.20 22.87 10.68
C HIS A 69 18.04 21.66 10.97
N SER A 70 17.85 20.56 10.24
CA SER A 70 18.53 19.31 10.61
C SER A 70 19.93 19.27 10.09
N TYR A 71 20.78 18.50 10.75
CA TYR A 71 22.19 18.47 10.43
C TYR A 71 22.45 17.87 9.04
N ARG A 72 23.36 18.48 8.29
CA ARG A 72 23.69 18.06 6.92
C ARG A 72 25.06 17.43 6.71
N GLY A 73 25.97 17.56 7.66
CA GLY A 73 27.31 17.02 7.53
C GLY A 73 28.33 18.04 7.08
N VAL A 74 29.60 17.64 7.06
CA VAL A 74 30.70 18.60 6.85
C VAL A 74 30.74 19.16 5.42
N GLY A 75 30.02 18.55 4.50
CA GLY A 75 29.94 19.09 3.12
C GLY A 75 31.02 18.50 2.22
N LEU A 76 30.92 18.82 0.94
CA LEU A 76 31.75 18.17 -0.09
C LEU A 76 33.29 18.32 0.15
N ASP A 77 33.77 19.56 0.30
CA ASP A 77 35.22 19.82 0.35
C ASP A 77 35.89 19.13 1.54
N GLU A 78 35.30 19.32 2.74
CA GLU A 78 35.81 18.64 3.96
C GLU A 78 35.59 17.15 3.91
N GLY A 79 34.48 16.73 3.31
CA GLY A 79 34.16 15.35 3.25
C GLY A 79 35.15 14.57 2.41
N LEU A 80 35.54 15.11 1.26
CA LEU A 80 36.51 14.45 0.42
C LEU A 80 37.89 14.37 1.07
N LYS A 81 38.26 15.42 1.82
CA LYS A 81 39.50 15.38 2.61
C LYS A 81 39.46 14.25 3.65
N ILE A 82 38.32 14.08 4.33
CA ILE A 82 38.19 13.00 5.31
C ILE A 82 38.32 11.64 4.61
N PHE A 83 37.64 11.48 3.50
CA PHE A 83 37.70 10.23 2.78
C PHE A 83 39.11 9.91 2.29
N ALA A 84 39.85 10.94 1.86
CA ALA A 84 41.25 10.74 1.40
C ALA A 84 42.14 10.20 2.53
N GLU A 85 41.94 10.74 3.73
CA GLU A 85 42.66 10.30 4.93
C GLU A 85 42.19 8.89 5.39
N VAL A 86 40.91 8.57 5.23
CA VAL A 86 40.44 7.20 5.53
C VAL A 86 41.12 6.14 4.60
N LYS A 87 41.15 6.43 3.31
CA LYS A 87 41.78 5.53 2.33
C LYS A 87 43.28 5.35 2.62
N ALA A 88 43.98 6.45 2.91
CA ALA A 88 45.43 6.39 3.17
C ALA A 88 45.72 5.69 4.50
N ARG A 89 44.91 5.94 5.52
CA ARG A 89 45.14 5.27 6.77
C ARG A 89 44.85 3.76 6.71
N PHE A 90 43.75 3.37 6.08
CA PHE A 90 43.27 1.98 6.20
C PHE A 90 43.43 1.16 4.95
N GLY A 91 43.63 1.80 3.80
CA GLY A 91 43.66 1.09 2.53
C GLY A 91 42.31 0.54 2.12
N VAL A 92 41.25 1.14 2.60
CA VAL A 92 39.89 0.62 2.36
C VAL A 92 39.21 1.43 1.24
N PRO A 93 38.46 0.78 0.34
CA PRO A 93 37.69 1.60 -0.62
C PRO A 93 36.49 2.24 0.06
N VAL A 94 35.99 3.32 -0.52
CA VAL A 94 34.88 4.06 0.09
C VAL A 94 33.75 4.28 -0.90
N ILE A 95 32.53 4.34 -0.35
CA ILE A 95 31.34 4.65 -1.09
C ILE A 95 30.70 5.91 -0.51
N THR A 96 30.29 6.83 -1.35
CA THR A 96 29.51 7.96 -0.89
C THR A 96 28.44 8.37 -1.94
N ASP A 97 27.41 9.11 -1.49
CA ASP A 97 26.31 9.50 -2.38
C ASP A 97 26.50 10.89 -2.96
N VAL A 98 25.92 11.09 -4.16
CA VAL A 98 26.18 12.26 -4.99
C VAL A 98 24.84 12.91 -5.36
N HIS A 99 24.73 14.22 -5.13
CA HIS A 99 23.45 14.90 -5.14
C HIS A 99 23.25 15.86 -6.25
N GLU A 100 24.34 16.26 -6.89
CA GLU A 100 24.30 17.15 -8.05
C GLU A 100 25.27 16.61 -9.13
N ALA A 101 24.91 16.81 -10.39
CA ALA A 101 25.73 16.37 -11.55
C ALA A 101 27.19 16.80 -11.41
N GLU A 102 27.40 18.06 -11.02
CA GLU A 102 28.73 18.65 -10.97
C GLU A 102 29.59 18.08 -9.83
N GLN A 103 28.98 17.39 -8.86
CA GLN A 103 29.76 16.76 -7.81
C GLN A 103 30.37 15.42 -8.23
N ALA A 104 29.86 14.82 -9.30
CA ALA A 104 30.25 13.44 -9.66
C ALA A 104 31.76 13.32 -9.95
N ALA A 105 32.30 14.20 -10.77
CA ALA A 105 33.72 14.13 -11.16
C ALA A 105 34.62 14.32 -9.98
N PRO A 106 34.43 15.41 -9.20
CA PRO A 106 35.35 15.53 -8.05
C PRO A 106 35.20 14.42 -7.01
N VAL A 107 33.97 13.93 -6.79
CA VAL A 107 33.80 12.81 -5.87
C VAL A 107 34.55 11.55 -6.36
N ALA A 108 34.47 11.29 -7.66
CA ALA A 108 35.06 10.11 -8.26
C ALA A 108 36.60 10.12 -8.22
N GLU A 109 37.21 11.29 -8.02
CA GLU A 109 38.65 11.30 -7.79
C GLU A 109 39.03 10.59 -6.55
N ILE A 110 38.15 10.58 -5.55
CA ILE A 110 38.47 10.04 -4.22
C ILE A 110 37.67 8.74 -3.91
N ALA A 111 36.36 8.76 -4.10
CA ALA A 111 35.50 7.62 -3.80
C ALA A 111 35.65 6.53 -4.87
N ASP A 112 35.50 5.28 -4.43
CA ASP A 112 35.63 4.11 -5.26
C ASP A 112 34.27 3.59 -5.77
N VAL A 113 33.18 4.01 -5.13
CA VAL A 113 31.83 3.73 -5.61
C VAL A 113 31.01 5.01 -5.41
N LEU A 114 30.21 5.37 -6.42
CA LEU A 114 29.31 6.55 -6.29
C LEU A 114 27.91 6.05 -6.18
N GLN A 115 27.15 6.59 -5.23
CA GLN A 115 25.78 6.19 -5.00
C GLN A 115 24.79 7.23 -5.52
N VAL A 116 23.77 6.76 -6.22
CA VAL A 116 22.66 7.59 -6.64
C VAL A 116 21.60 7.55 -5.53
N PRO A 117 21.27 8.69 -4.94
CA PRO A 117 20.24 8.67 -3.90
C PRO A 117 18.86 8.21 -4.39
N ALA A 118 18.12 7.53 -3.50
CA ALA A 118 16.79 6.98 -3.80
C ALA A 118 15.87 7.97 -4.50
N PHE A 119 15.69 9.17 -3.93
CA PHE A 119 14.74 10.13 -4.48
C PHE A 119 15.15 10.63 -5.85
N LEU A 120 16.45 10.52 -6.16
CA LEU A 120 17.04 11.10 -7.37
C LEU A 120 17.34 10.09 -8.48
N ALA A 121 16.95 8.84 -8.28
CA ALA A 121 17.34 7.80 -9.24
C ALA A 121 16.71 7.93 -10.66
N ARG A 122 15.63 8.70 -10.79
CA ARG A 122 15.02 8.97 -12.07
C ARG A 122 15.61 10.21 -12.74
N GLN A 123 16.47 10.96 -12.04
CA GLN A 123 17.02 12.21 -12.61
C GLN A 123 18.16 11.93 -13.63
N THR A 124 17.79 12.04 -14.89
CA THR A 124 18.62 11.64 -16.02
C THR A 124 20.02 12.27 -15.97
N ASP A 125 20.08 13.59 -15.82
CA ASP A 125 21.36 14.28 -15.89
C ASP A 125 22.24 13.95 -14.70
N LEU A 126 21.66 13.66 -13.57
CA LEU A 126 22.46 13.27 -12.40
C LEU A 126 23.01 11.87 -12.60
N VAL A 127 22.15 10.95 -13.03
CA VAL A 127 22.55 9.56 -13.24
C VAL A 127 23.62 9.47 -14.31
N VAL A 128 23.43 10.20 -15.40
CA VAL A 128 24.39 10.20 -16.49
C VAL A 128 25.72 10.76 -16.00
N ALA A 129 25.70 11.89 -15.26
CA ALA A 129 26.94 12.51 -14.76
C ALA A 129 27.68 11.57 -13.81
N ILE A 130 26.93 10.85 -12.98
CA ILE A 130 27.52 9.85 -12.08
C ILE A 130 28.12 8.66 -12.85
N ALA A 131 27.38 8.13 -13.84
CA ALA A 131 27.85 7.06 -14.70
C ALA A 131 29.14 7.47 -15.44
N LYS A 132 29.16 8.69 -15.99
CA LYS A 132 30.34 9.18 -16.77
C LYS A 132 31.58 9.35 -15.89
N ALA A 133 31.41 9.51 -14.58
CA ALA A 133 32.54 9.70 -13.69
C ALA A 133 33.43 8.48 -13.63
N GLY A 134 32.96 7.34 -14.14
CA GLY A 134 33.85 6.19 -14.39
C GLY A 134 34.10 5.20 -13.26
N LYS A 135 33.39 5.34 -12.13
CA LYS A 135 33.47 4.36 -11.04
C LYS A 135 32.19 3.52 -11.03
N PRO A 136 32.22 2.39 -10.29
CA PRO A 136 30.97 1.64 -10.05
C PRO A 136 29.92 2.52 -9.43
N VAL A 137 28.67 2.23 -9.75
CA VAL A 137 27.53 2.99 -9.30
C VAL A 137 26.67 2.07 -8.44
N ASN A 138 26.25 2.56 -7.29
CA ASN A 138 25.25 1.91 -6.46
C ASN A 138 23.97 2.72 -6.62
N VAL A 139 22.97 2.16 -7.27
CA VAL A 139 21.67 2.85 -7.42
C VAL A 139 20.74 2.49 -6.24
N LYS A 140 20.41 3.46 -5.35
CA LYS A 140 19.41 3.18 -4.32
C LYS A 140 18.03 3.13 -5.00
N LYS A 141 17.35 2.01 -4.89
CA LYS A 141 16.01 1.84 -5.46
C LYS A 141 15.03 2.73 -4.73
N PRO A 142 14.39 3.67 -5.46
CA PRO A 142 13.47 4.54 -4.80
C PRO A 142 12.32 3.76 -4.12
N GLN A 143 11.80 4.35 -3.05
CA GLN A 143 10.67 3.84 -2.31
CA GLN A 143 10.66 3.84 -2.31
C GLN A 143 9.45 3.76 -3.26
N PHE A 144 9.46 4.57 -4.32
CA PHE A 144 8.35 4.67 -5.26
C PHE A 144 8.49 3.79 -6.51
N MET A 145 9.61 3.08 -6.63
CA MET A 145 9.94 2.37 -7.91
C MET A 145 9.82 0.84 -7.75
N SER A 146 9.11 0.23 -8.67
CA SER A 146 8.96 -1.23 -8.63
C SER A 146 10.29 -1.88 -9.10
N PRO A 147 10.54 -3.14 -8.65
CA PRO A 147 11.85 -3.76 -8.88
C PRO A 147 12.13 -4.03 -10.37
N THR A 148 11.09 -4.16 -11.16
CA THR A 148 11.26 -4.38 -12.62
C THR A 148 11.49 -3.05 -13.40
N GLN A 149 11.55 -1.92 -12.71
CA GLN A 149 11.82 -0.66 -13.38
C GLN A 149 13.27 -0.17 -13.23
N LEU A 150 14.07 -0.81 -12.39
CA LEU A 150 15.49 -0.40 -12.25
C LEU A 150 16.26 -0.53 -13.53
N LYS A 151 15.85 -1.46 -14.39
CA LYS A 151 16.53 -1.65 -15.69
C LYS A 151 16.74 -0.31 -16.45
N HIS A 152 15.79 0.61 -16.33
CA HIS A 152 15.89 1.88 -17.05
C HIS A 152 16.96 2.76 -16.49
N VAL A 153 17.21 2.70 -15.17
CA VAL A 153 18.34 3.40 -14.60
C VAL A 153 19.67 2.79 -15.06
N VAL A 154 19.75 1.46 -15.01
CA VAL A 154 20.94 0.74 -15.50
C VAL A 154 21.23 1.11 -16.97
N SER A 155 20.16 1.19 -17.79
CA SER A 155 20.32 1.56 -19.17
C SER A 155 20.85 2.95 -19.38
N LYS A 156 20.44 3.90 -18.53
CA LYS A 156 21.00 5.23 -18.66
C LYS A 156 22.50 5.16 -18.49
N CYS A 157 22.95 4.45 -17.45
CA CYS A 157 24.34 4.33 -17.16
C CYS A 157 25.05 3.65 -18.33
N GLY A 158 24.46 2.58 -18.84
CA GLY A 158 25.06 1.79 -19.95
C GLY A 158 25.22 2.61 -21.21
N GLU A 159 24.25 3.49 -21.44
CA GLU A 159 24.27 4.36 -22.61
C GLU A 159 25.52 5.25 -22.66
N VAL A 160 26.05 5.63 -21.50
CA VAL A 160 27.26 6.48 -21.49
C VAL A 160 28.51 5.66 -21.14
N GLY A 161 28.41 4.32 -21.23
CA GLY A 161 29.58 3.46 -21.19
C GLY A 161 29.94 2.93 -19.80
N ASN A 162 29.00 2.97 -18.83
CA ASN A 162 29.30 2.45 -17.50
C ASN A 162 28.41 1.23 -17.25
N ASP A 163 29.04 0.05 -17.31
CA ASP A 163 28.35 -1.22 -17.12
CA ASP A 163 28.34 -1.23 -17.13
C ASP A 163 28.53 -1.75 -15.69
N ARG A 164 29.19 -0.98 -14.83
CA ARG A 164 29.44 -1.43 -13.49
C ARG A 164 28.42 -0.86 -12.52
N VAL A 165 27.24 -1.45 -12.54
CA VAL A 165 26.09 -0.91 -11.83
C VAL A 165 25.53 -1.92 -10.84
N MET A 166 25.33 -1.47 -9.60
CA MET A 166 24.80 -2.32 -8.55
C MET A 166 23.49 -1.71 -8.10
N LEU A 167 22.60 -2.54 -7.59
CA LEU A 167 21.23 -2.12 -7.28
C LEU A 167 20.91 -2.36 -5.81
N CYS A 168 20.48 -1.32 -5.10
CA CYS A 168 20.39 -1.40 -3.69
C CYS A 168 18.98 -1.21 -3.19
N GLU A 169 18.46 -2.27 -2.61
CA GLU A 169 17.14 -2.28 -1.96
C GLU A 169 17.11 -1.49 -0.67
N ARG A 170 16.11 -0.61 -0.51
CA ARG A 170 15.91 0.10 0.77
CA ARG A 170 15.91 0.10 0.77
C ARG A 170 14.44 0.23 1.17
N GLY A 171 13.61 -0.64 0.63
CA GLY A 171 12.24 -0.70 1.02
C GLY A 171 11.35 -0.01 0.02
N SER A 172 10.04 -0.34 0.11
CA SER A 172 9.01 0.19 -0.72
C SER A 172 7.92 0.85 0.14
N SER A 173 7.33 1.93 -0.34
CA SER A 173 6.33 2.70 0.43
C SER A 173 5.11 1.78 0.68
N PHE A 174 4.71 1.74 1.94
CA PHE A 174 3.65 0.84 2.42
C PHE A 174 2.71 1.69 3.25
N GLY A 175 1.64 2.18 2.63
CA GLY A 175 0.79 3.22 3.26
C GLY A 175 1.64 4.45 3.49
N TYR A 176 1.25 5.25 4.49
CA TYR A 176 1.94 6.50 4.77
C TYR A 176 3.08 6.17 5.76
N ASP A 177 4.23 6.81 5.57
CA ASP A 177 5.21 6.92 6.61
C ASP A 177 5.76 5.56 7.07
N ASN A 178 5.75 4.57 6.19
CA ASN A 178 6.24 3.25 6.50
C ASN A 178 6.77 2.56 5.25
N LEU A 179 7.69 1.64 5.49
CA LEU A 179 8.32 0.86 4.41
C LEU A 179 8.15 -0.65 4.70
N VAL A 180 7.96 -1.42 3.65
CA VAL A 180 8.08 -2.85 3.71
C VAL A 180 9.14 -3.27 2.67
N VAL A 181 9.89 -4.32 2.97
CA VAL A 181 10.83 -4.91 2.02
C VAL A 181 10.22 -6.18 1.39
N ASP A 182 10.03 -6.11 0.10
CA ASP A 182 9.52 -7.25 -0.66
C ASP A 182 10.72 -8.11 -1.05
N MET A 183 10.87 -9.24 -0.36
CA MET A 183 12.01 -10.12 -0.60
C MET A 183 11.97 -10.80 -1.99
N LEU A 184 10.82 -10.75 -2.67
CA LEU A 184 10.70 -11.23 -4.03
C LEU A 184 11.40 -10.28 -5.06
N GLY A 185 11.65 -9.02 -4.67
CA GLY A 185 12.19 -8.03 -5.58
C GLY A 185 13.64 -8.24 -5.98
N PHE A 186 14.42 -8.91 -5.12
CA PHE A 186 15.87 -9.07 -5.37
C PHE A 186 16.13 -9.83 -6.68
N ARG A 187 15.45 -10.92 -6.84
CA ARG A 187 15.55 -11.68 -8.08
C ARG A 187 15.02 -10.87 -9.28
N GLN A 188 13.93 -10.15 -9.11
CA GLN A 188 13.39 -9.38 -10.23
C GLN A 188 14.37 -8.29 -10.68
N MET A 189 15.05 -7.67 -9.73
CA MET A 189 16.08 -6.70 -10.07
C MET A 189 17.24 -7.34 -10.86
N ALA A 190 17.73 -8.50 -10.38
CA ALA A 190 18.86 -9.15 -10.98
C ALA A 190 18.50 -9.62 -12.42
N GLU A 191 17.38 -10.33 -12.56
CA GLU A 191 17.01 -10.94 -13.85
C GLU A 191 16.61 -9.93 -14.93
N THR A 192 16.09 -8.78 -14.55
CA THR A 192 15.64 -7.85 -15.56
C THR A 192 16.78 -6.90 -15.94
N THR A 193 17.96 -7.00 -15.31
CA THR A 193 19.07 -6.08 -15.58
C THR A 193 20.31 -6.79 -16.07
N GLY A 194 20.19 -8.03 -16.51
CA GLY A 194 21.37 -8.80 -16.90
C GLY A 194 22.26 -9.24 -15.74
N GLY A 195 21.69 -9.37 -14.54
CA GLY A 195 22.43 -9.90 -13.37
C GLY A 195 23.27 -8.91 -12.59
N CYS A 196 22.89 -7.65 -12.61
CA CYS A 196 23.53 -6.66 -11.76
C CYS A 196 23.59 -7.15 -10.33
N PRO A 197 24.71 -6.92 -9.61
CA PRO A 197 24.75 -7.16 -8.16
C PRO A 197 23.63 -6.44 -7.41
N VAL A 198 22.93 -7.19 -6.53
CA VAL A 198 21.93 -6.61 -5.72
C VAL A 198 22.42 -6.53 -4.27
N ILE A 199 22.14 -5.39 -3.66
CA ILE A 199 22.67 -5.02 -2.36
C ILE A 199 21.44 -4.71 -1.48
N PHE A 200 21.47 -5.13 -0.21
CA PHE A 200 20.37 -4.84 0.71
C PHE A 200 20.78 -3.80 1.75
N ASP A 201 20.14 -2.64 1.69
CA ASP A 201 20.32 -1.59 2.69
C ASP A 201 19.38 -1.86 3.81
N VAL A 202 19.88 -2.60 4.82
CA VAL A 202 19.06 -2.99 5.91
C VAL A 202 18.72 -1.79 6.78
N THR A 203 19.65 -0.86 6.91
CA THR A 203 19.43 0.35 7.70
C THR A 203 18.23 1.18 7.21
N HIS A 204 18.26 1.62 5.96
CA HIS A 204 17.22 2.49 5.51
C HIS A 204 15.93 1.78 5.32
N SER A 205 15.95 0.46 5.13
CA SER A 205 14.74 -0.31 5.04
C SER A 205 13.96 -0.31 6.37
N LEU A 206 14.61 0.09 7.45
CA LEU A 206 14.00 0.10 8.78
C LEU A 206 13.32 1.42 9.08
N GLN A 207 13.40 2.39 8.16
CA GLN A 207 12.82 3.73 8.38
CA GLN A 207 12.81 3.72 8.39
C GLN A 207 11.29 3.64 8.50
N CYS A 208 10.74 4.54 9.28
CA CYS A 208 9.32 4.75 9.37
C CYS A 208 9.24 6.13 10.04
N ARG A 209 8.06 6.73 10.09
CA ARG A 209 7.92 8.02 10.78
C ARG A 209 6.56 8.30 11.39
N ASP A 210 6.60 9.23 12.34
CA ASP A 210 5.43 9.81 12.96
C ASP A 210 4.85 10.77 11.90
N PRO A 211 3.51 10.82 11.76
CA PRO A 211 2.91 11.71 10.74
C PRO A 211 3.25 13.20 10.89
N LEU A 212 3.52 13.62 12.13
CA LEU A 212 3.86 15.02 12.39
C LEU A 212 5.35 15.26 12.71
N GLY A 213 6.17 14.20 12.69
CA GLY A 213 7.61 14.30 13.10
C GLY A 213 8.46 15.17 12.18
N ASP A 214 9.62 15.57 12.70
CA ASP A 214 10.61 16.51 12.04
C ASP A 214 11.76 15.73 11.40
N ALA A 215 11.95 14.51 11.84
CA ALA A 215 13.08 13.66 11.42
C ALA A 215 12.57 12.20 11.37
N SER A 216 13.28 11.35 10.63
CA SER A 216 12.82 9.97 10.46
C SER A 216 12.82 9.24 11.79
N GLY A 217 11.79 8.42 11.97
CA GLY A 217 11.85 7.32 12.95
C GLY A 217 12.64 6.13 12.34
N GLY A 218 12.52 4.98 12.98
CA GLY A 218 13.35 3.83 12.56
C GLY A 218 13.26 2.68 13.56
N ARG A 219 13.72 1.51 13.14
CA ARG A 219 13.48 0.29 13.87
C ARG A 219 14.75 -0.57 14.03
N ARG A 220 15.81 0.05 14.51
CA ARG A 220 17.10 -0.67 14.72
C ARG A 220 16.98 -1.94 15.54
N ARG A 221 16.06 -2.03 16.48
CA ARG A 221 15.95 -3.25 17.29
C ARG A 221 15.64 -4.50 16.43
N GLN A 222 15.17 -4.30 15.20
CA GLN A 222 14.85 -5.43 14.30
C GLN A 222 15.85 -5.64 13.16
N VAL A 223 17.02 -5.01 13.24
CA VAL A 223 17.99 -5.11 12.15
C VAL A 223 18.41 -6.55 11.84
N LEU A 224 18.57 -7.40 12.87
CA LEU A 224 19.01 -8.77 12.64
C LEU A 224 17.91 -9.60 11.92
N ASP A 225 16.67 -9.44 12.33
CA ASP A 225 15.58 -10.13 11.69
C ASP A 225 15.64 -9.89 10.18
N LEU A 226 15.77 -8.62 9.82
CA LEU A 226 15.60 -8.23 8.44
C LEU A 226 16.87 -8.56 7.66
N ALA A 227 18.04 -8.33 8.28
CA ALA A 227 19.35 -8.66 7.67
C ALA A 227 19.47 -10.17 7.42
N ARG A 228 19.00 -10.98 8.37
CA ARG A 228 18.94 -12.43 8.15
C ARG A 228 18.13 -12.83 6.93
N ALA A 229 16.92 -12.26 6.84
CA ALA A 229 16.01 -12.56 5.74
C ALA A 229 16.62 -12.24 4.40
N GLY A 230 17.17 -11.05 4.32
CA GLY A 230 17.72 -10.58 3.02
C GLY A 230 18.93 -11.38 2.60
N ILE A 231 19.86 -11.61 3.52
CA ILE A 231 21.08 -12.31 3.20
C ILE A 231 20.76 -13.76 2.80
N ALA A 232 19.71 -14.35 3.37
CA ALA A 232 19.35 -15.76 3.03
C ALA A 232 18.87 -15.91 1.58
N VAL A 233 18.35 -14.83 1.00
CA VAL A 233 17.89 -14.88 -0.35
C VAL A 233 19.06 -15.20 -1.31
N GLY A 234 20.24 -14.71 -1.00
CA GLY A 234 21.43 -14.86 -1.85
C GLY A 234 21.64 -13.58 -2.66
N ILE A 235 22.47 -12.67 -2.12
CA ILE A 235 22.65 -11.33 -2.68
C ILE A 235 24.14 -10.96 -2.65
N ALA A 236 24.50 -9.92 -3.41
CA ALA A 236 25.90 -9.48 -3.57
C ALA A 236 26.43 -8.72 -2.38
N GLY A 237 25.56 -8.02 -1.65
CA GLY A 237 26.03 -7.17 -0.58
C GLY A 237 25.02 -6.76 0.46
N LEU A 238 25.54 -6.28 1.58
CA LEU A 238 24.76 -5.73 2.64
C LEU A 238 25.24 -4.32 2.86
N PHE A 239 24.31 -3.39 3.01
CA PHE A 239 24.61 -1.99 3.26
C PHE A 239 24.09 -1.69 4.67
N LEU A 240 24.96 -1.13 5.50
CA LEU A 240 24.71 -1.06 6.95
C LEU A 240 25.33 0.20 7.53
N GLU A 241 24.57 0.92 8.36
CA GLU A 241 25.11 2.02 9.12
C GLU A 241 25.09 1.68 10.59
N ALA A 242 26.07 2.21 11.30
CA ALA A 242 26.23 1.95 12.69
C ALA A 242 26.66 3.23 13.42
N HIS A 243 26.57 3.19 14.74
CA HIS A 243 27.03 4.29 15.56
C HIS A 243 27.28 3.76 16.96
N PRO A 244 28.30 4.28 17.68
CA PRO A 244 28.53 3.74 19.01
C PRO A 244 27.37 3.97 19.97
N ASP A 245 26.64 5.06 19.77
CA ASP A 245 25.46 5.35 20.57
C ASP A 245 24.37 5.92 19.63
N PRO A 246 23.54 5.03 19.08
CA PRO A 246 22.65 5.52 18.01
C PRO A 246 21.71 6.68 18.39
N ASP A 247 21.26 6.75 19.64
CA ASP A 247 20.47 7.91 20.13
C ASP A 247 21.18 9.26 20.00
N ARG A 248 22.52 9.29 19.93
CA ARG A 248 23.24 10.54 19.72
C ARG A 248 23.56 10.81 18.23
N ALA A 249 23.29 9.86 17.32
CA ALA A 249 23.60 10.13 15.89
C ALA A 249 22.82 11.37 15.45
N ARG A 250 23.39 12.15 14.54
CA ARG A 250 22.75 13.36 14.03
C ARG A 250 21.89 13.13 12.77
N CYS A 251 21.90 11.90 12.26
CA CYS A 251 20.96 11.48 11.20
C CYS A 251 20.76 9.98 11.19
N ASP A 252 19.50 9.58 11.11
CA ASP A 252 19.08 8.17 11.05
C ASP A 252 19.59 7.29 12.23
N GLY A 253 19.82 7.91 13.39
CA GLY A 253 20.07 7.15 14.61
C GLY A 253 19.02 6.07 14.93
N PRO A 254 17.70 6.36 14.68
CA PRO A 254 16.72 5.33 15.00
C PRO A 254 16.89 4.01 14.26
N SER A 255 17.57 4.04 13.13
CA SER A 255 17.85 2.80 12.35
C SER A 255 19.29 2.28 12.43
N ALA A 256 20.18 3.00 13.10
CA ALA A 256 21.60 2.62 13.12
C ALA A 256 21.88 1.45 14.08
N LEU A 257 22.76 0.55 13.66
CA LEU A 257 23.22 -0.51 14.53
C LEU A 257 24.17 0.03 15.63
N PRO A 258 23.95 -0.33 16.91
CA PRO A 258 24.95 0.03 17.90
C PRO A 258 26.29 -0.64 17.55
N LEU A 259 27.34 0.17 17.42
CA LEU A 259 28.61 -0.29 16.83
C LEU A 259 29.22 -1.52 17.56
N HIS A 260 29.04 -1.60 18.86
CA HIS A 260 29.55 -2.75 19.61
C HIS A 260 28.89 -4.06 19.23
N GLN A 261 27.78 -4.01 18.50
CA GLN A 261 27.14 -5.26 18.02
C GLN A 261 27.49 -5.65 16.59
N LEU A 262 28.48 -4.97 16.00
CA LEU A 262 28.85 -5.20 14.61
C LEU A 262 29.32 -6.64 14.40
N GLU A 263 30.20 -7.12 15.27
CA GLU A 263 30.77 -8.45 15.07
C GLU A 263 29.69 -9.52 15.25
N GLY A 264 28.82 -9.35 16.24
CA GLY A 264 27.70 -10.27 16.43
C GLY A 264 26.82 -10.35 15.20
N LEU A 265 26.51 -9.20 14.59
CA LEU A 265 25.66 -9.21 13.39
C LEU A 265 26.38 -9.87 12.20
N LEU A 266 27.64 -9.47 11.97
CA LEU A 266 28.40 -9.92 10.78
C LEU A 266 28.74 -11.39 10.82
N SER A 267 28.95 -11.96 12.01
CA SER A 267 29.21 -13.42 12.06
C SER A 267 27.95 -14.17 11.65
N GLN A 268 26.78 -13.64 11.97
CA GLN A 268 25.54 -14.32 11.55
C GLN A 268 25.34 -14.18 10.02
N MET A 269 25.63 -13.01 9.49
CA MET A 269 25.56 -12.77 8.06
C MET A 269 26.53 -13.68 7.29
N LYS A 270 27.78 -13.75 7.73
CA LYS A 270 28.76 -14.60 7.05
C LYS A 270 28.33 -16.09 7.10
N ALA A 271 27.80 -16.53 8.23
CA ALA A 271 27.42 -17.94 8.35
C ALA A 271 26.26 -18.26 7.40
N ILE A 272 25.26 -17.38 7.36
CA ILE A 272 24.11 -17.59 6.47
C ILE A 272 24.52 -17.45 5.02
N ASP A 273 25.29 -16.40 4.72
CA ASP A 273 25.76 -16.20 3.35
C ASP A 273 26.62 -17.38 2.82
N ASP A 274 27.60 -17.85 3.59
CA ASP A 274 28.41 -18.98 3.16
C ASP A 274 27.56 -20.22 2.90
N LEU A 275 26.51 -20.44 3.70
CA LEU A 275 25.62 -21.57 3.50
C LEU A 275 24.82 -21.44 2.20
N VAL A 276 24.10 -20.31 2.04
CA VAL A 276 23.18 -20.21 0.89
C VAL A 276 23.95 -20.13 -0.42
N LYS A 277 25.12 -19.51 -0.40
CA LYS A 277 25.96 -19.40 -1.62
C LYS A 277 26.52 -20.75 -2.13
N ARG A 278 26.44 -21.82 -1.34
CA ARG A 278 26.79 -23.13 -1.87
C ARG A 278 25.59 -24.06 -2.06
N MET A 279 24.37 -23.52 -1.95
CA MET A 279 23.16 -24.29 -2.22
C MET A 279 22.57 -23.89 -3.58
N PRO A 280 22.17 -24.87 -4.40
CA PRO A 280 21.71 -24.51 -5.76
C PRO A 280 20.39 -23.72 -5.80
N ALA A 281 20.20 -22.95 -6.87
CA ALA A 281 18.85 -22.50 -7.23
C ALA A 281 18.13 -23.77 -7.69
N LEU A 282 16.84 -23.78 -7.48
CA LEU A 282 16.04 -24.77 -8.12
C LEU A 282 15.39 -24.02 -9.28
N GLU A 283 15.36 -24.65 -10.45
CA GLU A 283 14.57 -24.12 -11.54
C GLU A 283 13.16 -24.60 -11.20
N ILE A 284 12.35 -23.70 -10.61
CA ILE A 284 10.95 -24.01 -10.36
C ILE A 284 10.13 -23.43 -11.52
N ARG A 285 9.57 -24.32 -12.33
CA ARG A 285 8.76 -23.90 -13.48
C ARG A 285 7.25 -23.97 -13.08
N PRO B 2 12.25 -19.10 27.24
CA PRO B 2 11.64 -17.92 27.90
C PRO B 2 11.55 -16.74 26.94
N GLY B 3 10.34 -16.24 26.70
CA GLY B 3 10.07 -15.41 25.54
C GLY B 3 9.40 -16.19 24.41
N SER B 4 9.25 -17.51 24.58
CA SER B 4 8.72 -18.40 23.53
C SER B 4 7.89 -19.61 24.08
N MET B 5 6.71 -19.83 23.53
CA MET B 5 5.79 -20.87 24.00
C MET B 5 5.77 -22.02 23.00
N ASN B 6 5.78 -23.26 23.49
CA ASN B 6 5.77 -24.42 22.61
C ASN B 6 4.39 -25.03 22.53
N VAL B 7 3.96 -25.43 21.33
CA VAL B 7 2.67 -26.07 21.16
C VAL B 7 2.88 -27.56 20.77
N ALA B 8 2.48 -28.47 21.66
CA ALA B 8 2.47 -29.91 21.39
C ALA B 8 1.33 -30.23 20.45
N ILE B 9 1.62 -30.82 19.30
CA ILE B 9 0.60 -31.18 18.32
C ILE B 9 0.29 -32.69 18.36
N SER B 10 1.32 -33.51 18.43
CA SER B 10 1.19 -34.97 18.51
C SER B 10 2.53 -35.53 18.98
N PRO B 11 2.58 -36.83 19.30
N PRO B 11 2.61 -36.82 19.31
CA PRO B 11 3.84 -37.39 19.80
CA PRO B 11 3.76 -37.22 20.14
C PRO B 11 4.98 -37.15 18.81
C PRO B 11 5.19 -36.79 19.70
N GLY B 12 6.03 -36.48 19.27
N GLY B 12 5.52 -36.86 18.41
CA GLY B 12 7.17 -36.15 18.43
CA GLY B 12 6.85 -36.45 17.94
C GLY B 12 7.00 -34.94 17.53
C GLY B 12 6.91 -35.03 17.40
N VAL B 13 5.86 -34.24 17.64
CA VAL B 13 5.65 -32.99 16.91
C VAL B 13 5.21 -31.86 17.82
N THR B 14 6.14 -30.95 18.06
CA THR B 14 5.92 -29.75 18.88
C THR B 14 6.42 -28.55 18.10
N ALA B 15 5.61 -27.49 18.02
CA ALA B 15 5.99 -26.26 17.31
C ALA B 15 6.35 -25.15 18.31
N GLY B 16 7.47 -24.47 18.07
CA GLY B 16 7.89 -23.39 18.92
C GLY B 16 8.98 -22.57 18.26
N ASN B 17 9.06 -21.28 18.60
CA ASN B 17 9.93 -20.35 17.87
C ASN B 17 11.43 -20.59 18.07
N SER B 18 11.80 -21.33 19.12
CA SER B 18 13.20 -21.70 19.31
C SER B 18 13.48 -23.18 18.94
N LEU B 19 12.44 -23.91 18.51
CA LEU B 19 12.54 -25.33 18.20
C LEU B 19 12.83 -25.57 16.72
N PRO B 20 13.33 -26.77 16.36
CA PRO B 20 13.48 -27.03 14.93
C PRO B 20 12.13 -26.82 14.25
N PHE B 21 12.13 -26.23 13.06
CA PHE B 21 10.85 -25.85 12.42
C PHE B 21 10.02 -27.09 12.09
N VAL B 22 8.70 -26.94 12.20
CA VAL B 22 7.74 -27.99 11.87
C VAL B 22 7.19 -27.67 10.49
N LEU B 23 7.15 -28.68 9.60
CA LEU B 23 6.55 -28.49 8.27
C LEU B 23 5.07 -28.86 8.33
N PHE B 24 4.23 -27.88 8.00
CA PHE B 24 2.80 -28.09 7.78
C PHE B 24 2.67 -28.13 6.29
N GLY B 25 2.75 -29.32 5.73
CA GLY B 25 2.89 -29.49 4.29
C GLY B 25 1.80 -30.37 3.72
N GLY B 26 1.36 -30.08 2.50
CA GLY B 26 0.47 -30.99 1.83
C GLY B 26 -0.03 -30.44 0.52
N ILE B 27 -1.35 -30.42 0.37
CA ILE B 27 -1.99 -30.07 -0.87
C ILE B 27 -3.10 -29.07 -0.60
N ASN B 28 -3.49 -28.33 -1.62
CA ASN B 28 -4.47 -27.30 -1.42
C ASN B 28 -5.85 -27.85 -1.01
N VAL B 29 -6.34 -28.86 -1.75
CA VAL B 29 -7.72 -29.30 -1.62
C VAL B 29 -7.82 -30.82 -1.79
N LEU B 30 -8.60 -31.47 -0.94
CA LEU B 30 -8.87 -32.90 -1.08
C LEU B 30 -9.75 -33.19 -2.30
N GLU B 31 -9.24 -34.01 -3.23
CA GLU B 31 -9.99 -34.42 -4.43
C GLU B 31 -10.38 -35.88 -4.40
N SER B 32 -9.49 -36.73 -3.90
CA SER B 32 -9.73 -38.17 -3.86
C SER B 32 -8.78 -38.80 -2.88
N LEU B 33 -9.12 -40.00 -2.46
CA LEU B 33 -8.38 -40.74 -1.45
C LEU B 33 -6.99 -41.07 -1.96
N ASP B 34 -6.89 -41.69 -3.12
CA ASP B 34 -5.59 -42.21 -3.59
C ASP B 34 -4.58 -41.11 -3.90
N PHE B 35 -5.01 -40.05 -4.53
CA PHE B 35 -4.10 -38.97 -4.83
C PHE B 35 -3.60 -38.34 -3.53
N THR B 36 -4.50 -38.16 -2.56
CA THR B 36 -4.08 -37.63 -1.26
C THR B 36 -3.03 -38.54 -0.59
N LEU B 37 -3.31 -39.84 -0.57
CA LEU B 37 -2.37 -40.80 0.02
C LEU B 37 -1.01 -40.75 -0.69
N ASP B 38 -1.04 -40.74 -2.01
CA ASP B 38 0.18 -40.74 -2.78
C ASP B 38 1.02 -39.50 -2.51
N VAL B 39 0.39 -38.32 -2.49
CA VAL B 39 1.15 -37.13 -2.22
C VAL B 39 1.69 -37.12 -0.78
N CYS B 40 0.84 -37.50 0.17
CA CYS B 40 1.26 -37.53 1.56
C CYS B 40 2.44 -38.48 1.74
N GLY B 41 2.40 -39.59 1.03
CA GLY B 41 3.49 -40.54 1.07
C GLY B 41 4.82 -39.91 0.67
N GLU B 42 4.78 -39.05 -0.34
CA GLU B 42 5.95 -38.34 -0.81
C GLU B 42 6.49 -37.42 0.32
N TYR B 43 5.61 -36.65 0.93
CA TYR B 43 6.00 -35.80 2.05
C TYR B 43 6.58 -36.61 3.21
N VAL B 44 5.95 -37.74 3.54
CA VAL B 44 6.36 -38.54 4.67
C VAL B 44 7.75 -39.10 4.42
N ALA B 45 7.97 -39.62 3.21
CA ALA B 45 9.27 -40.14 2.85
C ALA B 45 10.35 -39.07 2.91
N VAL B 46 10.05 -37.89 2.37
CA VAL B 46 11.08 -36.86 2.34
C VAL B 46 11.32 -36.35 3.75
N THR B 47 10.26 -36.07 4.52
CA THR B 47 10.47 -35.55 5.87
C THR B 47 11.12 -36.57 6.82
N ARG B 48 10.79 -37.86 6.67
CA ARG B 48 11.44 -38.91 7.47
C ARG B 48 12.94 -38.97 7.20
N LYS B 49 13.30 -38.91 5.92
CA LYS B 49 14.68 -38.97 5.50
C LYS B 49 15.48 -37.76 6.02
N LEU B 50 14.89 -36.57 5.98
CA LEU B 50 15.60 -35.37 6.38
C LEU B 50 15.50 -35.11 7.87
N GLY B 51 14.53 -35.74 8.55
CA GLY B 51 14.38 -35.54 10.00
C GLY B 51 13.66 -34.22 10.33
N ILE B 52 12.62 -33.90 9.56
CA ILE B 52 11.80 -32.71 9.81
C ILE B 52 10.45 -33.13 10.37
N PRO B 53 10.03 -32.58 11.52
CA PRO B 53 8.68 -32.88 12.03
C PRO B 53 7.60 -32.44 11.07
N PHE B 54 6.56 -33.25 10.94
CA PHE B 54 5.63 -33.12 9.83
C PHE B 54 4.16 -33.21 10.22
N VAL B 55 3.35 -32.26 9.72
CA VAL B 55 1.88 -32.29 9.86
C VAL B 55 1.32 -32.14 8.45
N PHE B 56 0.46 -33.05 8.03
CA PHE B 56 -0.04 -33.02 6.66
C PHE B 56 -1.23 -32.05 6.53
N LYS B 57 -1.21 -31.19 5.53
CA LYS B 57 -2.29 -30.21 5.30
C LYS B 57 -3.13 -30.52 4.07
N ALA B 58 -4.42 -30.28 4.17
CA ALA B 58 -5.30 -30.17 3.02
C ALA B 58 -6.58 -29.50 3.48
N SER B 59 -7.31 -28.91 2.55
CA SER B 59 -8.67 -28.40 2.82
C SER B 59 -9.70 -29.43 2.33
N PHE B 60 -10.72 -29.69 3.14
CA PHE B 60 -11.87 -30.48 2.68
C PHE B 60 -12.85 -29.64 1.85
N ASP B 61 -12.83 -28.34 2.05
CA ASP B 61 -13.69 -27.39 1.27
C ASP B 61 -12.92 -26.09 1.04
N LYS B 62 -13.02 -25.57 -0.18
CA LYS B 62 -12.65 -24.20 -0.50
C LYS B 62 -13.96 -23.39 -0.47
N ALA B 63 -14.21 -22.76 0.68
CA ALA B 63 -15.46 -22.06 0.92
C ALA B 63 -15.43 -20.59 0.38
N ASN B 64 -14.30 -20.17 -0.18
CA ASN B 64 -14.06 -18.79 -0.55
C ASN B 64 -13.52 -18.62 -1.96
N ARG B 65 -13.81 -19.54 -2.87
CA ARG B 65 -13.38 -19.34 -4.24
C ARG B 65 -13.97 -18.02 -4.76
N SER B 66 -13.22 -17.34 -5.61
CA SER B 66 -13.76 -16.18 -6.26
C SER B 66 -15.02 -16.55 -7.08
N SER B 67 -14.93 -17.60 -7.89
CA SER B 67 -15.98 -17.93 -8.84
C SER B 67 -16.86 -19.08 -8.36
N ILE B 68 -18.17 -18.90 -8.50
CA ILE B 68 -19.15 -19.93 -8.22
C ILE B 68 -18.86 -21.21 -9.03
N HIS B 69 -18.13 -21.10 -10.14
CA HIS B 69 -17.86 -22.28 -10.98
C HIS B 69 -16.57 -23.00 -10.60
N SER B 70 -15.78 -22.47 -9.67
CA SER B 70 -14.47 -23.05 -9.36
C SER B 70 -14.60 -24.23 -8.40
N TYR B 71 -13.66 -25.16 -8.49
CA TYR B 71 -13.70 -26.39 -7.72
C TYR B 71 -13.56 -26.13 -6.23
N ARG B 72 -14.37 -26.84 -5.44
CA ARG B 72 -14.42 -26.66 -3.99
C ARG B 72 -13.86 -27.80 -3.16
N GLY B 73 -13.67 -28.98 -3.77
CA GLY B 73 -13.22 -30.16 -3.02
C GLY B 73 -14.31 -31.16 -2.63
N VAL B 74 -13.92 -32.29 -2.05
CA VAL B 74 -14.87 -33.36 -1.75
C VAL B 74 -15.90 -33.02 -0.67
N GLY B 75 -15.65 -32.00 0.13
CA GLY B 75 -16.58 -31.62 1.19
C GLY B 75 -16.26 -32.26 2.53
N LEU B 76 -16.97 -31.83 3.57
CA LEU B 76 -16.64 -32.22 4.95
C LEU B 76 -16.68 -33.74 5.19
N ASP B 77 -17.80 -34.39 4.85
CA ASP B 77 -17.96 -35.83 5.17
C ASP B 77 -16.90 -36.70 4.52
N GLU B 78 -16.72 -36.54 3.20
CA GLU B 78 -15.69 -37.31 2.47
C GLU B 78 -14.30 -36.90 2.88
N GLY B 79 -14.13 -35.61 3.19
CA GLY B 79 -12.83 -35.09 3.55
C GLY B 79 -12.31 -35.66 4.85
N LEU B 80 -13.19 -35.76 5.85
CA LEU B 80 -12.80 -36.36 7.11
C LEU B 80 -12.48 -37.84 6.94
N LYS B 81 -13.20 -38.54 6.06
CA LYS B 81 -12.90 -39.97 5.79
C LYS B 81 -11.52 -40.12 5.17
N ILE B 82 -11.19 -39.22 4.24
CA ILE B 82 -9.86 -39.25 3.64
C ILE B 82 -8.78 -38.98 4.70
N PHE B 83 -9.00 -37.99 5.55
CA PHE B 83 -8.05 -37.68 6.61
C PHE B 83 -7.85 -38.87 7.55
N ALA B 84 -8.93 -39.58 7.86
CA ALA B 84 -8.86 -40.73 8.74
C ALA B 84 -7.92 -41.79 8.17
N GLU B 85 -8.00 -41.98 6.85
CA GLU B 85 -7.17 -42.96 6.14
C GLU B 85 -5.72 -42.47 6.09
N VAL B 86 -5.52 -41.16 5.93
CA VAL B 86 -4.15 -40.61 5.91
C VAL B 86 -3.47 -40.89 7.25
N LYS B 87 -4.18 -40.59 8.35
CA LYS B 87 -3.65 -40.81 9.71
C LYS B 87 -3.34 -42.28 9.97
N ALA B 88 -4.24 -43.16 9.57
CA ALA B 88 -4.07 -44.59 9.80
C ALA B 88 -2.91 -45.16 8.96
N ARG B 89 -2.82 -44.76 7.71
CA ARG B 89 -1.80 -45.28 6.84
C ARG B 89 -0.42 -44.78 7.25
N PHE B 90 -0.27 -43.50 7.56
CA PHE B 90 1.05 -42.91 7.75
C PHE B 90 1.41 -42.53 9.17
N GLY B 91 0.43 -42.49 10.07
CA GLY B 91 0.70 -42.12 11.45
C GLY B 91 1.08 -40.66 11.57
N VAL B 92 0.62 -39.86 10.62
CA VAL B 92 0.95 -38.44 10.64
C VAL B 92 -0.23 -37.60 11.19
N PRO B 93 0.06 -36.53 11.98
CA PRO B 93 -1.05 -35.61 12.33
C PRO B 93 -1.47 -34.74 11.14
N VAL B 94 -2.70 -34.25 11.17
CA VAL B 94 -3.23 -33.49 10.02
C VAL B 94 -3.79 -32.16 10.49
N ILE B 95 -3.71 -31.18 9.57
CA ILE B 95 -4.25 -29.84 9.76
C ILE B 95 -5.24 -29.57 8.64
N THR B 96 -6.42 -29.05 9.00
CA THR B 96 -7.34 -28.57 8.00
C THR B 96 -8.05 -27.29 8.47
N ASP B 97 -8.56 -26.51 7.51
CA ASP B 97 -9.27 -25.30 7.84
C ASP B 97 -10.78 -25.50 8.03
N VAL B 98 -11.36 -24.64 8.87
CA VAL B 98 -12.75 -24.74 9.32
C VAL B 98 -13.49 -23.46 8.98
N HIS B 99 -14.64 -23.58 8.31
CA HIS B 99 -15.35 -22.43 7.74
C HIS B 99 -16.61 -21.97 8.43
N GLU B 100 -17.19 -22.85 9.26
CA GLU B 100 -18.41 -22.57 10.04
C GLU B 100 -18.28 -23.14 11.47
N ALA B 101 -18.84 -22.44 12.44
CA ALA B 101 -18.77 -22.80 13.85
C ALA B 101 -19.13 -24.29 14.09
N GLU B 102 -20.15 -24.78 13.39
CA GLU B 102 -20.66 -26.15 13.60
C GLU B 102 -19.69 -27.21 13.07
N GLN B 103 -18.76 -26.82 12.19
CA GLN B 103 -17.82 -27.77 11.65
C GLN B 103 -16.68 -28.05 12.63
N ALA B 104 -16.48 -27.16 13.61
CA ALA B 104 -15.29 -27.28 14.48
C ALA B 104 -15.23 -28.64 15.23
N ALA B 105 -16.32 -29.00 15.90
CA ALA B 105 -16.36 -30.23 16.70
C ALA B 105 -16.13 -31.49 15.87
N PRO B 106 -16.92 -31.68 14.80
CA PRO B 106 -16.63 -32.88 13.98
C PRO B 106 -15.24 -32.91 13.35
N VAL B 107 -14.72 -31.74 12.92
CA VAL B 107 -13.38 -31.74 12.37
C VAL B 107 -12.36 -32.16 13.43
N ALA B 108 -12.54 -31.68 14.66
CA ALA B 108 -11.62 -31.93 15.75
C ALA B 108 -11.59 -33.42 16.20
N GLU B 109 -12.62 -34.19 15.84
CA GLU B 109 -12.59 -35.61 16.12
C GLU B 109 -11.45 -36.25 15.34
N ILE B 110 -11.12 -35.71 14.17
CA ILE B 110 -10.18 -36.34 13.24
C ILE B 110 -8.86 -35.53 13.10
N ALA B 111 -8.98 -34.24 12.82
CA ALA B 111 -7.84 -33.39 12.64
C ALA B 111 -7.13 -33.08 13.97
N ASP B 112 -5.81 -32.90 13.87
CA ASP B 112 -4.97 -32.60 15.02
C ASP B 112 -4.65 -31.08 15.21
N VAL B 113 -4.88 -30.28 14.17
CA VAL B 113 -4.76 -28.81 14.25
C VAL B 113 -5.93 -28.28 13.42
N LEU B 114 -6.63 -27.26 13.95
CA LEU B 114 -7.70 -26.59 13.22
C LEU B 114 -7.21 -25.21 12.83
N GLN B 115 -7.45 -24.86 11.56
CA GLN B 115 -7.00 -23.59 11.02
C GLN B 115 -8.18 -22.63 10.83
N VAL B 116 -7.98 -21.39 11.28
CA VAL B 116 -8.91 -20.33 11.06
C VAL B 116 -8.53 -19.68 9.73
N PRO B 117 -9.44 -19.70 8.74
CA PRO B 117 -9.11 -19.00 7.50
C PRO B 117 -8.82 -17.49 7.64
N ALA B 118 -7.92 -16.99 6.79
CA ALA B 118 -7.51 -15.61 6.78
C ALA B 118 -8.70 -14.59 6.76
N PHE B 119 -9.66 -14.77 5.85
CA PHE B 119 -10.76 -13.83 5.77
C PHE B 119 -11.66 -13.85 7.01
N LEU B 120 -11.64 -14.95 7.75
CA LEU B 120 -12.58 -15.19 8.83
C LEU B 120 -12.03 -14.96 10.21
N ALA B 121 -10.78 -14.54 10.29
CA ALA B 121 -10.07 -14.53 11.57
C ALA B 121 -10.60 -13.50 12.58
N ARG B 122 -11.41 -12.56 12.14
CA ARG B 122 -12.09 -11.65 13.04
C ARG B 122 -13.48 -12.15 13.49
N GLN B 123 -13.94 -13.29 12.94
CA GLN B 123 -15.32 -13.72 13.23
C GLN B 123 -15.40 -14.45 14.57
N THR B 124 -15.89 -13.73 15.58
CA THR B 124 -15.83 -14.14 16.97
C THR B 124 -16.38 -15.55 17.20
N ASP B 125 -17.56 -15.83 16.68
CA ASP B 125 -18.21 -17.09 16.94
C ASP B 125 -17.48 -18.24 16.29
N LEU B 126 -16.83 -18.00 15.15
CA LEU B 126 -16.08 -19.06 14.48
C LEU B 126 -14.81 -19.34 15.26
N VAL B 127 -14.11 -18.29 15.65
CA VAL B 127 -12.86 -18.43 16.39
C VAL B 127 -13.11 -19.12 17.74
N VAL B 128 -14.17 -18.72 18.43
CA VAL B 128 -14.50 -19.31 19.70
C VAL B 128 -14.87 -20.79 19.54
N ALA B 129 -15.67 -21.12 18.52
CA ALA B 129 -16.07 -22.51 18.28
C ALA B 129 -14.86 -23.39 17.95
N ILE B 130 -13.94 -22.85 17.15
CA ILE B 130 -12.71 -23.55 16.84
C ILE B 130 -11.87 -23.75 18.12
N ALA B 131 -11.74 -22.70 18.93
CA ALA B 131 -10.94 -22.77 20.16
C ALA B 131 -11.54 -23.81 21.11
N LYS B 132 -12.88 -23.82 21.22
CA LYS B 132 -13.57 -24.73 22.14
C LYS B 132 -13.41 -26.17 21.72
N ALA B 133 -13.16 -26.45 20.44
CA ALA B 133 -13.07 -27.81 19.97
C ALA B 133 -11.85 -28.54 20.56
N GLY B 134 -10.93 -27.79 21.18
CA GLY B 134 -9.89 -28.38 22.05
C GLY B 134 -8.56 -28.77 21.42
N LYS B 135 -8.36 -28.49 20.13
CA LYS B 135 -7.10 -28.80 19.46
C LYS B 135 -6.32 -27.51 19.23
N PRO B 136 -5.03 -27.63 18.93
CA PRO B 136 -4.27 -26.45 18.58
C PRO B 136 -4.92 -25.74 17.43
N VAL B 137 -4.78 -24.41 17.41
CA VAL B 137 -5.37 -23.53 16.42
C VAL B 137 -4.23 -22.88 15.66
N ASN B 138 -4.33 -22.90 14.33
CA ASN B 138 -3.47 -22.14 13.46
C ASN B 138 -4.29 -20.96 12.91
N VAL B 139 -3.98 -19.73 13.33
CA VAL B 139 -4.71 -18.56 12.83
C VAL B 139 -4.00 -18.02 11.60
N LYS B 140 -4.63 -18.07 10.43
CA LYS B 140 -4.09 -17.41 9.27
C LYS B 140 -4.28 -15.91 9.44
N LYS B 141 -3.19 -15.17 9.46
CA LYS B 141 -3.23 -13.72 9.57
C LYS B 141 -3.85 -13.13 8.32
N PRO B 142 -4.99 -12.44 8.49
CA PRO B 142 -5.63 -11.83 7.34
C PRO B 142 -4.71 -10.82 6.63
N GLN B 143 -4.90 -10.75 5.33
CA GLN B 143 -4.21 -9.84 4.44
CA GLN B 143 -4.22 -9.85 4.44
C GLN B 143 -4.47 -8.40 4.89
N PHE B 144 -5.59 -8.19 5.60
CA PHE B 144 -5.98 -6.86 6.08
C PHE B 144 -5.54 -6.53 7.52
N MET B 145 -4.91 -7.48 8.22
CA MET B 145 -4.61 -7.31 9.62
C MET B 145 -3.13 -7.02 9.86
N SER B 146 -2.86 -6.03 10.68
CA SER B 146 -1.48 -5.76 11.08
C SER B 146 -0.99 -6.81 12.09
N PRO B 147 0.35 -7.01 12.16
CA PRO B 147 0.89 -8.08 12.99
C PRO B 147 0.66 -7.87 14.48
N THR B 148 0.51 -6.64 14.92
CA THR B 148 0.28 -6.34 16.32
C THR B 148 -1.21 -6.51 16.74
N GLN B 149 -2.07 -6.90 15.81
CA GLN B 149 -3.51 -7.10 16.11
C GLN B 149 -3.89 -8.54 16.29
N LEU B 150 -2.99 -9.49 16.02
CA LEU B 150 -3.30 -10.90 16.23
C LEU B 150 -3.61 -11.21 17.68
N LYS B 151 -2.99 -10.47 18.60
CA LYS B 151 -3.21 -10.69 20.04
C LYS B 151 -4.70 -10.81 20.42
N HIS B 152 -5.55 -10.08 19.72
CA HIS B 152 -6.98 -10.14 19.98
C HIS B 152 -7.61 -11.44 19.56
N VAL B 153 -7.12 -12.04 18.47
CA VAL B 153 -7.59 -13.35 18.11
C VAL B 153 -7.14 -14.35 19.17
N VAL B 154 -5.89 -14.25 19.60
CA VAL B 154 -5.33 -15.18 20.61
C VAL B 154 -6.13 -15.08 21.89
N SER B 155 -6.50 -13.85 22.26
CA SER B 155 -7.32 -13.64 23.46
C SER B 155 -8.69 -14.26 23.36
N LYS B 156 -9.33 -14.23 22.20
CA LYS B 156 -10.60 -14.91 22.03
C LYS B 156 -10.45 -16.38 22.35
N CYS B 157 -9.40 -17.01 21.82
CA CYS B 157 -9.14 -18.40 22.07
C CYS B 157 -8.87 -18.65 23.54
N GLY B 158 -8.06 -17.78 24.14
CA GLY B 158 -7.69 -17.94 25.56
C GLY B 158 -8.91 -17.82 26.47
N GLU B 159 -9.85 -16.98 26.08
CA GLU B 159 -11.04 -16.74 26.87
C GLU B 159 -11.86 -18.00 27.04
N VAL B 160 -11.83 -18.90 26.07
CA VAL B 160 -12.57 -20.15 26.22
C VAL B 160 -11.67 -21.30 26.55
N GLY B 161 -10.46 -21.02 27.02
CA GLY B 161 -9.58 -22.04 27.61
C GLY B 161 -8.56 -22.70 26.69
N ASN B 162 -8.34 -22.15 25.49
CA ASN B 162 -7.40 -22.79 24.54
C ASN B 162 -6.16 -21.88 24.37
N ASP B 163 -5.06 -22.31 24.96
CA ASP B 163 -3.83 -21.54 24.96
C ASP B 163 -2.90 -22.02 23.86
N ARG B 164 -3.34 -22.98 23.05
CA ARG B 164 -2.46 -23.59 22.07
C ARG B 164 -2.69 -22.99 20.71
N VAL B 165 -2.15 -21.78 20.53
CA VAL B 165 -2.48 -20.97 19.36
C VAL B 165 -1.19 -20.63 18.63
N MET B 166 -1.22 -20.84 17.32
CA MET B 166 -0.12 -20.54 16.45
C MET B 166 -0.58 -19.52 15.43
N LEU B 167 0.36 -18.73 14.93
CA LEU B 167 0.04 -17.57 14.11
C LEU B 167 0.73 -17.69 12.78
N CYS B 168 -0.04 -17.63 11.68
CA CYS B 168 0.48 -18.03 10.37
C CYS B 168 0.43 -16.89 9.36
N GLU B 169 1.61 -16.42 9.00
CA GLU B 169 1.80 -15.35 8.03
C GLU B 169 1.43 -15.84 6.63
N ARG B 170 0.65 -15.04 5.91
CA ARG B 170 0.42 -15.30 4.49
C ARG B 170 0.41 -14.08 3.60
N GLY B 171 1.08 -13.03 4.05
CA GLY B 171 1.21 -11.82 3.25
C GLY B 171 0.22 -10.73 3.66
N SER B 172 0.54 -9.48 3.28
CA SER B 172 -0.28 -8.31 3.55
C SER B 172 -0.69 -7.64 2.23
N SER B 173 -1.88 -7.06 2.18
CA SER B 173 -2.35 -6.41 0.93
C SER B 173 -1.41 -5.24 0.58
N PHE B 174 -0.96 -5.22 -0.68
CA PHE B 174 -0.01 -4.24 -1.17
C PHE B 174 -0.55 -3.75 -2.53
N GLY B 175 -1.24 -2.62 -2.50
CA GLY B 175 -2.04 -2.23 -3.62
C GLY B 175 -3.17 -3.21 -3.89
N TYR B 176 -3.61 -3.25 -5.13
CA TYR B 176 -4.67 -4.11 -5.56
C TYR B 176 -4.04 -5.41 -6.01
N ASP B 177 -4.67 -6.52 -5.69
CA ASP B 177 -4.37 -7.79 -6.34
C ASP B 177 -2.93 -8.27 -6.14
N ASN B 178 -2.30 -7.87 -5.04
CA ASN B 178 -0.91 -8.26 -4.75
C ASN B 178 -0.67 -8.33 -3.26
N LEU B 179 0.31 -9.15 -2.88
CA LEU B 179 0.70 -9.31 -1.50
C LEU B 179 2.17 -9.06 -1.35
N VAL B 180 2.57 -8.49 -0.20
CA VAL B 180 3.98 -8.45 0.23
C VAL B 180 4.09 -9.03 1.64
N VAL B 181 5.22 -9.67 1.91
CA VAL B 181 5.49 -10.18 3.24
C VAL B 181 6.47 -9.28 3.95
N ASP B 182 6.01 -8.76 5.06
CA ASP B 182 6.80 -7.91 5.90
C ASP B 182 7.51 -8.79 6.91
N MET B 183 8.78 -9.02 6.68
CA MET B 183 9.54 -9.98 7.51
C MET B 183 9.74 -9.43 8.94
N LEU B 184 9.42 -8.14 9.15
CA LEU B 184 9.45 -7.56 10.50
C LEU B 184 8.25 -8.01 11.38
N GLY B 185 7.20 -8.48 10.72
CA GLY B 185 5.97 -8.83 11.43
C GLY B 185 6.12 -10.06 12.34
N PHE B 186 7.05 -10.98 12.00
CA PHE B 186 7.14 -12.24 12.74
C PHE B 186 7.41 -11.98 14.23
N ARG B 187 8.41 -11.15 14.48
CA ARG B 187 8.74 -10.78 15.84
C ARG B 187 7.58 -10.05 16.51
N GLN B 188 6.87 -9.22 15.80
CA GLN B 188 5.80 -8.44 16.41
C GLN B 188 4.65 -9.38 16.82
N MET B 189 4.36 -10.37 15.98
CA MET B 189 3.36 -11.34 16.33
C MET B 189 3.78 -12.10 17.61
N ALA B 190 5.03 -12.55 17.68
CA ALA B 190 5.50 -13.38 18.80
C ALA B 190 5.51 -12.58 20.09
N GLU B 191 6.12 -11.38 20.05
CA GLU B 191 6.26 -10.54 21.25
C GLU B 191 4.97 -9.96 21.82
N THR B 192 3.97 -9.76 20.99
CA THR B 192 2.75 -9.14 21.48
C THR B 192 1.75 -10.20 21.93
N THR B 193 2.08 -11.47 21.74
CA THR B 193 1.14 -12.56 22.06
C THR B 193 1.72 -13.52 23.10
N GLY B 194 2.76 -13.13 23.83
CA GLY B 194 3.38 -14.01 24.83
C GLY B 194 4.17 -15.15 24.24
N GLY B 195 4.66 -14.99 23.01
CA GLY B 195 5.51 -15.98 22.37
C GLY B 195 4.83 -17.12 21.63
N CYS B 196 3.62 -16.88 21.12
CA CYS B 196 2.96 -17.86 20.25
C CYS B 196 3.89 -18.30 19.10
N PRO B 197 3.87 -19.58 18.73
CA PRO B 197 4.57 -20.03 17.55
C PRO B 197 4.14 -19.27 16.29
N VAL B 198 5.12 -18.81 15.51
CA VAL B 198 4.83 -18.17 14.25
C VAL B 198 5.19 -19.11 13.10
N ILE B 199 4.28 -19.20 12.14
CA ILE B 199 4.37 -20.10 11.01
C ILE B 199 4.36 -19.27 9.73
N PHE B 200 5.17 -19.64 8.73
CA PHE B 200 5.16 -18.89 7.46
C PHE B 200 4.50 -19.72 6.34
N ASP B 201 3.36 -19.25 5.85
CA ASP B 201 2.69 -19.85 4.68
C ASP B 201 3.30 -19.25 3.42
N VAL B 202 4.32 -19.93 2.91
CA VAL B 202 5.03 -19.41 1.77
C VAL B 202 4.17 -19.48 0.53
N THR B 203 3.31 -20.51 0.43
CA THR B 203 2.46 -20.71 -0.71
C THR B 203 1.48 -19.56 -0.93
N HIS B 204 0.69 -19.24 0.07
CA HIS B 204 -0.32 -18.21 -0.07
C HIS B 204 0.25 -16.83 -0.07
N SER B 205 1.45 -16.65 0.47
CA SER B 205 2.15 -15.40 0.37
C SER B 205 2.58 -15.07 -1.06
N LEU B 206 2.61 -16.08 -1.94
CA LEU B 206 2.99 -15.88 -3.33
C LEU B 206 1.81 -15.49 -4.25
N GLN B 207 0.59 -15.41 -3.69
CA GLN B 207 -0.60 -15.07 -4.47
C GLN B 207 -0.51 -13.64 -5.04
N CYS B 208 -1.11 -13.47 -6.21
CA CYS B 208 -1.32 -12.18 -6.83
C CYS B 208 -2.39 -12.47 -7.89
N ARG B 209 -2.97 -11.45 -8.49
CA ARG B 209 -3.96 -11.71 -9.53
C ARG B 209 -4.06 -10.67 -10.59
N ASP B 210 -4.63 -11.11 -11.71
CA ASP B 210 -5.01 -10.26 -12.82
C ASP B 210 -6.27 -9.53 -12.39
N PRO B 211 -6.36 -8.19 -12.67
CA PRO B 211 -7.55 -7.42 -12.19
C PRO B 211 -8.90 -8.00 -12.67
N LEU B 212 -8.91 -8.66 -13.83
CA LEU B 212 -10.14 -9.21 -14.38
C LEU B 212 -10.25 -10.75 -14.32
N GLY B 213 -9.23 -11.41 -13.76
CA GLY B 213 -9.19 -12.89 -13.68
C GLY B 213 -10.32 -13.51 -12.87
N ASP B 214 -10.48 -14.82 -13.04
CA ASP B 214 -11.50 -15.67 -12.36
C ASP B 214 -10.96 -16.43 -11.16
N ALA B 215 -9.65 -16.62 -11.10
CA ALA B 215 -8.99 -17.45 -10.10
C ALA B 215 -7.65 -16.78 -9.80
N SER B 216 -7.04 -17.13 -8.66
CA SER B 216 -5.82 -16.49 -8.26
C SER B 216 -4.70 -16.78 -9.23
N GLY B 217 -3.88 -15.76 -9.45
CA GLY B 217 -2.52 -15.96 -9.97
C GLY B 217 -1.59 -16.36 -8.81
N GLY B 218 -0.28 -16.28 -9.06
CA GLY B 218 0.69 -16.80 -8.10
C GLY B 218 2.10 -16.89 -8.67
N ARG B 219 3.08 -17.06 -7.80
CA ARG B 219 4.47 -16.88 -8.17
C ARG B 219 5.36 -18.03 -7.64
N ARG B 220 4.97 -19.28 -7.94
CA ARG B 220 5.72 -20.47 -7.49
C ARG B 220 7.19 -20.46 -7.89
N ARG B 221 7.56 -19.86 -9.02
CA ARG B 221 8.97 -19.85 -9.42
C ARG B 221 9.86 -19.17 -8.36
N GLN B 222 9.26 -18.38 -7.45
CA GLN B 222 10.01 -17.66 -6.42
C GLN B 222 9.85 -18.21 -5.00
N VAL B 223 9.31 -19.43 -4.89
CA VAL B 223 9.08 -20.00 -3.60
C VAL B 223 10.36 -20.14 -2.75
N LEU B 224 11.48 -20.49 -3.35
CA LEU B 224 12.70 -20.69 -2.59
C LEU B 224 13.23 -19.36 -2.04
N ASP B 225 13.18 -18.30 -2.85
CA ASP B 225 13.62 -16.99 -2.39
C ASP B 225 12.89 -16.62 -1.10
N LEU B 226 11.58 -16.76 -1.14
CA LEU B 226 10.78 -16.28 -0.05
C LEU B 226 10.85 -17.21 1.17
N ALA B 227 10.87 -18.53 0.91
CA ALA B 227 10.98 -19.52 1.96
C ALA B 227 12.34 -19.40 2.69
N ARG B 228 13.41 -19.19 1.94
CA ARG B 228 14.72 -18.93 2.53
C ARG B 228 14.69 -17.74 3.47
N ALA B 229 14.09 -16.63 2.99
CA ALA B 229 14.03 -15.38 3.74
C ALA B 229 13.28 -15.59 5.06
N GLY B 230 12.13 -16.21 4.99
CA GLY B 230 11.30 -16.39 6.18
C GLY B 230 11.89 -17.35 7.21
N ILE B 231 12.42 -18.47 6.73
CA ILE B 231 12.99 -19.46 7.62
C ILE B 231 14.24 -18.86 8.30
N ALA B 232 14.98 -17.99 7.61
CA ALA B 232 16.19 -17.39 8.20
C ALA B 232 15.86 -16.48 9.40
N VAL B 233 14.66 -15.91 9.42
CA VAL B 233 14.29 -15.03 10.55
C VAL B 233 14.31 -15.82 11.89
N GLY B 234 13.99 -17.11 11.83
CA GLY B 234 13.88 -17.95 13.03
C GLY B 234 12.41 -18.04 13.46
N ILE B 235 11.73 -19.09 12.99
CA ILE B 235 10.28 -19.22 13.16
C ILE B 235 9.94 -20.70 13.52
N ALA B 236 8.72 -20.91 14.01
CA ALA B 236 8.27 -22.24 14.46
C ALA B 236 7.93 -23.19 13.33
N GLY B 237 7.45 -22.67 12.20
CA GLY B 237 7.01 -23.55 11.14
C GLY B 237 6.97 -22.96 9.75
N LEU B 238 6.91 -23.84 8.75
CA LEU B 238 6.71 -23.47 7.38
C LEU B 238 5.44 -24.18 6.91
N PHE B 239 4.59 -23.46 6.20
CA PHE B 239 3.35 -24.01 5.66
C PHE B 239 3.53 -24.00 4.13
N LEU B 240 3.32 -25.14 3.49
CA LEU B 240 3.66 -25.33 2.11
C LEU B 240 2.65 -26.23 1.41
N GLU B 241 2.21 -25.84 0.20
CA GLU B 241 1.44 -26.72 -0.67
C GLU B 241 2.23 -27.14 -1.91
N ALA B 242 1.98 -28.36 -2.37
CA ALA B 242 2.67 -28.91 -3.54
C ALA B 242 1.69 -29.65 -4.42
N HIS B 243 2.13 -29.93 -5.64
CA HIS B 243 1.33 -30.70 -6.61
C HIS B 243 2.29 -31.30 -7.64
N PRO B 244 2.01 -32.50 -8.14
CA PRO B 244 2.97 -33.09 -9.10
C PRO B 244 3.05 -32.33 -10.41
N ASP B 245 1.96 -31.68 -10.77
CA ASP B 245 1.91 -30.81 -11.95
C ASP B 245 1.09 -29.55 -11.64
N PRO B 246 1.74 -28.52 -11.10
CA PRO B 246 0.93 -27.41 -10.58
C PRO B 246 -0.05 -26.76 -11.56
N ASP B 247 0.28 -26.72 -12.84
CA ASP B 247 -0.62 -26.19 -13.87
C ASP B 247 -1.96 -26.91 -13.91
N ARG B 248 -2.03 -28.14 -13.42
CA ARG B 248 -3.29 -28.88 -13.45
C ARG B 248 -3.98 -28.89 -12.08
N ALA B 249 -3.37 -28.28 -11.07
CA ALA B 249 -4.00 -28.19 -9.75
C ALA B 249 -5.34 -27.48 -9.92
N ARG B 250 -6.33 -27.89 -9.13
CA ARG B 250 -7.70 -27.32 -9.22
C ARG B 250 -7.91 -26.10 -8.33
N CYS B 251 -6.92 -25.81 -7.48
CA CYS B 251 -6.90 -24.55 -6.69
C CYS B 251 -5.46 -24.17 -6.32
N ASP B 252 -5.13 -22.89 -6.53
CA ASP B 252 -3.82 -22.33 -6.19
C ASP B 252 -2.58 -23.05 -6.84
N GLY B 253 -2.80 -23.67 -8.00
CA GLY B 253 -1.71 -24.19 -8.80
C GLY B 253 -0.60 -23.15 -9.08
N PRO B 254 -0.98 -21.90 -9.36
CA PRO B 254 0.11 -20.94 -9.67
C PRO B 254 1.13 -20.71 -8.54
N SER B 255 0.75 -21.05 -7.30
CA SER B 255 1.66 -20.90 -6.16
C SER B 255 2.17 -22.22 -5.61
N ALA B 256 1.71 -23.35 -6.16
CA ALA B 256 2.09 -24.70 -5.64
C ALA B 256 3.53 -25.09 -6.00
N LEU B 257 4.26 -25.68 -5.06
CA LEU B 257 5.58 -26.25 -5.38
C LEU B 257 5.43 -27.51 -6.24
N PRO B 258 6.17 -27.61 -7.34
CA PRO B 258 6.15 -28.92 -8.04
C PRO B 258 6.67 -30.00 -7.09
N LEU B 259 5.88 -31.05 -6.90
CA LEU B 259 6.16 -32.06 -5.86
C LEU B 259 7.57 -32.70 -5.95
N HIS B 260 8.07 -32.93 -7.17
CA HIS B 260 9.41 -33.51 -7.32
C HIS B 260 10.50 -32.61 -6.78
N GLN B 261 10.20 -31.36 -6.48
CA GLN B 261 11.20 -30.48 -5.88
C GLN B 261 11.14 -30.35 -4.37
N LEU B 262 10.32 -31.17 -3.74
CA LEU B 262 10.12 -31.07 -2.29
C LEU B 262 11.41 -31.30 -1.52
N GLU B 263 12.16 -32.33 -1.87
CA GLU B 263 13.37 -32.65 -1.11
C GLU B 263 14.41 -31.53 -1.29
N GLY B 264 14.57 -31.04 -2.51
CA GLY B 264 15.51 -29.94 -2.77
C GLY B 264 15.16 -28.70 -1.93
N LEU B 265 13.86 -28.40 -1.81
CA LEU B 265 13.47 -27.25 -0.98
C LEU B 265 13.69 -27.49 0.50
N LEU B 266 13.19 -28.62 0.98
CA LEU B 266 13.27 -28.92 2.42
C LEU B 266 14.70 -29.09 2.94
N SER B 267 15.62 -29.62 2.15
CA SER B 267 17.02 -29.69 2.62
C SER B 267 17.58 -28.28 2.82
N GLN B 268 17.16 -27.31 1.99
CA GLN B 268 17.64 -25.97 2.19
C GLN B 268 17.03 -25.34 3.43
N MET B 269 15.73 -25.57 3.64
CA MET B 269 15.07 -25.08 4.83
C MET B 269 15.70 -25.66 6.09
N LYS B 270 15.97 -26.96 6.12
CA LYS B 270 16.54 -27.56 7.32
C LYS B 270 17.93 -26.97 7.58
N ALA B 271 18.72 -26.76 6.53
CA ALA B 271 20.10 -26.32 6.69
C ALA B 271 20.06 -24.91 7.28
N ILE B 272 19.18 -24.07 6.76
CA ILE B 272 19.10 -22.69 7.24
C ILE B 272 18.54 -22.67 8.65
N ASP B 273 17.46 -23.40 8.86
CA ASP B 273 16.82 -23.44 10.16
C ASP B 273 17.79 -23.93 11.24
N ASP B 274 18.50 -25.04 10.99
CA ASP B 274 19.44 -25.55 11.99
C ASP B 274 20.49 -24.49 12.31
N LEU B 275 20.98 -23.74 11.31
CA LEU B 275 22.00 -22.72 11.53
C LEU B 275 21.46 -21.58 12.40
N VAL B 276 20.34 -20.99 11.98
CA VAL B 276 19.84 -19.81 12.70
C VAL B 276 19.35 -20.14 14.11
N LYS B 277 18.76 -21.33 14.30
CA LYS B 277 18.31 -21.79 15.61
C LYS B 277 19.39 -21.99 16.65
N ARG B 278 20.65 -22.02 16.25
CA ARG B 278 21.73 -22.05 17.22
C ARG B 278 22.55 -20.75 17.30
N MET B 279 22.06 -19.69 16.69
CA MET B 279 22.69 -18.38 16.77
C MET B 279 21.84 -17.44 17.68
N PRO B 280 22.48 -16.69 18.59
CA PRO B 280 21.71 -15.86 19.52
C PRO B 280 20.95 -14.69 18.88
N ALA B 281 19.86 -14.26 19.53
CA ALA B 281 19.30 -12.91 19.28
C ALA B 281 20.34 -11.93 19.80
N LEU B 282 20.36 -10.77 19.21
CA LEU B 282 21.11 -9.70 19.77
C LEU B 282 20.07 -8.81 20.46
N GLU B 283 20.38 -8.35 21.65
CA GLU B 283 19.52 -7.37 22.32
C GLU B 283 19.98 -6.06 21.72
N ILE B 284 19.24 -5.56 20.72
CA ILE B 284 19.56 -4.26 20.15
C ILE B 284 18.66 -3.23 20.84
N ARG B 285 19.27 -2.24 21.51
CA ARG B 285 18.53 -1.13 22.16
C ARG B 285 18.60 0.14 21.29
N SER C 4 -6.56 30.16 6.31
CA SER C 4 -6.69 30.06 4.78
C SER C 4 -5.94 31.24 4.14
N MET C 5 -4.89 30.94 3.40
CA MET C 5 -3.98 31.96 2.89
CA MET C 5 -3.95 31.95 2.89
C MET C 5 -4.16 32.06 1.37
N ASN C 6 -4.20 33.29 0.86
CA ASN C 6 -4.42 33.49 -0.53
C ASN C 6 -3.11 33.87 -1.19
N VAL C 7 -2.83 33.27 -2.37
CA VAL C 7 -1.60 33.57 -3.08
C VAL C 7 -1.92 34.35 -4.38
N ALA C 8 -1.49 35.61 -4.43
CA ALA C 8 -1.67 36.49 -5.61
C ALA C 8 -0.64 36.06 -6.65
N ILE C 9 -1.08 35.69 -7.84
CA ILE C 9 -0.19 35.16 -8.87
C ILE C 9 0.08 36.21 -9.96
N SER C 10 -0.97 36.89 -10.39
CA SER C 10 -0.88 37.93 -11.41
C SER C 10 -2.21 38.68 -11.45
N PRO C 11 -2.30 39.75 -12.28
CA PRO C 11 -3.54 40.51 -12.29
C PRO C 11 -4.74 39.63 -12.58
N GLY C 12 -5.67 39.63 -11.64
CA GLY C 12 -6.91 38.90 -11.81
C GLY C 12 -6.79 37.45 -11.51
N VAL C 13 -5.62 37.02 -10.98
CA VAL C 13 -5.44 35.62 -10.62
C VAL C 13 -4.86 35.53 -9.21
N THR C 14 -5.70 35.05 -8.31
CA THR C 14 -5.36 34.80 -6.90
C THR C 14 -5.92 33.43 -6.55
N ALA C 15 -5.08 32.60 -5.94
CA ALA C 15 -5.45 31.23 -5.54
C ALA C 15 -5.61 31.15 -4.04
N GLY C 16 -6.67 30.49 -3.60
CA GLY C 16 -6.89 30.28 -2.19
C GLY C 16 -7.98 29.26 -1.96
N ASN C 17 -7.93 28.56 -0.81
CA ASN C 17 -8.84 27.45 -0.60
C ASN C 17 -10.32 27.81 -0.47
N SER C 18 -10.62 29.08 -0.18
CA SER C 18 -12.01 29.51 -0.11
C SER C 18 -12.41 30.37 -1.33
N LEU C 19 -11.49 30.54 -2.29
CA LEU C 19 -11.73 31.35 -3.48
C LEU C 19 -12.21 30.48 -4.67
N PRO C 20 -12.74 31.11 -5.72
CA PRO C 20 -13.07 30.28 -6.89
C PRO C 20 -11.83 29.62 -7.43
N PHE C 21 -11.93 28.36 -7.84
CA PHE C 21 -10.70 27.59 -8.18
C PHE C 21 -9.98 28.23 -9.34
N VAL C 22 -8.65 28.15 -9.31
CA VAL C 22 -7.79 28.61 -10.43
C VAL C 22 -7.37 27.39 -11.23
N LEU C 23 -7.45 27.47 -12.55
CA LEU C 23 -6.99 26.38 -13.43
C LEU C 23 -5.55 26.61 -13.79
N PHE C 24 -4.71 25.65 -13.44
CA PHE C 24 -3.34 25.58 -13.87
C PHE C 24 -3.36 24.56 -14.98
N GLY C 25 -3.56 25.02 -16.19
CA GLY C 25 -3.88 24.15 -17.32
C GLY C 25 -2.89 24.35 -18.44
N GLY C 26 -2.57 23.26 -19.14
CA GLY C 26 -1.78 23.41 -20.35
C GLY C 26 -1.42 22.10 -20.99
N ILE C 27 -0.12 21.93 -21.24
CA ILE C 27 0.39 20.77 -21.94
C ILE C 27 1.56 20.20 -21.16
N ASN C 28 1.88 18.94 -21.41
CA ASN C 28 2.95 18.31 -20.65
C ASN C 28 4.31 18.95 -20.90
N VAL C 29 4.67 19.12 -22.18
CA VAL C 29 6.03 19.46 -22.52
C VAL C 29 6.06 20.43 -23.70
N LEU C 30 6.94 21.41 -23.66
CA LEU C 30 7.13 22.33 -24.81
C LEU C 30 7.85 21.63 -25.94
N GLU C 31 7.23 21.64 -27.13
CA GLU C 31 7.79 21.06 -28.36
C GLU C 31 8.11 22.12 -29.43
N SER C 32 7.24 23.11 -29.60
CA SER C 32 7.41 24.14 -30.59
C SER C 32 6.55 25.32 -30.24
N LEU C 33 6.90 26.47 -30.82
CA LEU C 33 6.26 27.72 -30.49
C LEU C 33 4.79 27.69 -30.90
N ASP C 34 4.52 27.37 -32.17
CA ASP C 34 3.18 27.56 -32.69
C ASP C 34 2.20 26.60 -32.05
N PHE C 35 2.59 25.36 -31.84
CA PHE C 35 1.69 24.42 -31.20
C PHE C 35 1.39 24.91 -29.77
N THR C 36 2.41 25.35 -29.06
CA THR C 36 2.19 25.90 -27.71
C THR C 36 1.18 27.08 -27.73
N LEU C 37 1.42 28.04 -28.64
CA LEU C 37 0.52 29.21 -28.76
C LEU C 37 -0.90 28.76 -29.09
N ASP C 38 -1.03 27.82 -30.01
CA ASP C 38 -2.35 27.36 -30.39
C ASP C 38 -3.09 26.69 -29.25
N VAL C 39 -2.41 25.81 -28.51
CA VAL C 39 -3.08 25.13 -27.40
C VAL C 39 -3.44 26.15 -26.30
N CYS C 40 -2.51 27.00 -25.95
CA CYS C 40 -2.76 28.04 -24.94
C CYS C 40 -3.93 28.94 -25.35
N GLY C 41 -4.02 29.26 -26.63
CA GLY C 41 -5.13 30.03 -27.16
C GLY C 41 -6.48 29.37 -26.86
N GLU C 42 -6.52 28.06 -27.00
CA GLU C 42 -7.73 27.32 -26.74
C GLU C 42 -8.12 27.40 -25.25
N TYR C 43 -7.13 27.21 -24.36
CA TYR C 43 -7.40 27.34 -22.92
C TYR C 43 -7.88 28.74 -22.57
N VAL C 44 -7.24 29.75 -23.16
CA VAL C 44 -7.57 31.14 -22.85
C VAL C 44 -9.01 31.43 -23.30
N ALA C 45 -9.38 30.97 -24.49
CA ALA C 45 -10.75 31.11 -25.00
C ALA C 45 -11.78 30.42 -24.11
N VAL C 46 -11.48 29.20 -23.71
CA VAL C 46 -12.47 28.45 -22.92
C VAL C 46 -12.59 29.05 -21.56
N THR C 47 -11.47 29.37 -20.91
CA THR C 47 -11.53 29.94 -19.57
C THR C 47 -12.14 31.34 -19.56
N ARG C 48 -11.89 32.14 -20.59
CA ARG C 48 -12.52 33.46 -20.70
C ARG C 48 -14.06 33.34 -20.79
N LYS C 49 -14.51 32.44 -21.64
CA LYS C 49 -15.93 32.22 -21.82
C LYS C 49 -16.59 31.80 -20.50
N LEU C 50 -15.95 30.90 -19.75
CA LEU C 50 -16.58 30.30 -18.59
C LEU C 50 -16.33 31.17 -17.35
N GLY C 51 -15.33 32.05 -17.40
CA GLY C 51 -15.04 32.93 -16.28
C GLY C 51 -14.23 32.25 -15.20
N ILE C 52 -13.23 31.48 -15.61
CA ILE C 52 -12.33 30.75 -14.70
C ILE C 52 -10.93 31.36 -14.74
N PRO C 53 -10.35 31.66 -13.57
CA PRO C 53 -8.98 32.20 -13.59
C PRO C 53 -7.99 31.17 -14.07
N PHE C 54 -6.98 31.62 -14.82
CA PHE C 54 -6.15 30.71 -15.62
C PHE C 54 -4.66 31.04 -15.58
N VAL C 55 -3.87 30.00 -15.38
CA VAL C 55 -2.42 30.01 -15.48
C VAL C 55 -1.99 28.89 -16.43
N PHE C 56 -1.20 29.22 -17.45
CA PHE C 56 -0.85 28.23 -18.45
C PHE C 56 0.37 27.42 -18.01
N LYS C 57 0.28 26.09 -18.09
CA LYS C 57 1.38 25.18 -17.66
C LYS C 57 2.07 24.49 -18.84
N ALA C 58 3.38 24.36 -18.74
CA ALA C 58 4.13 23.41 -19.59
C ALA C 58 5.47 23.21 -18.93
N SER C 59 6.15 22.10 -19.28
CA SER C 59 7.52 21.87 -18.89
C SER C 59 8.45 22.21 -20.04
N PHE C 60 9.53 22.94 -19.74
CA PHE C 60 10.59 23.12 -20.73
C PHE C 60 11.50 21.88 -20.89
N ASP C 61 11.54 21.06 -19.84
CA ASP C 61 12.37 19.84 -19.83
C ASP C 61 11.65 18.78 -19.01
N LYS C 62 11.72 17.55 -19.47
CA LYS C 62 11.35 16.39 -18.68
C LYS C 62 12.68 15.75 -18.24
N ALA C 63 13.09 16.12 -17.03
CA ALA C 63 14.39 15.73 -16.47
C ALA C 63 14.39 14.35 -15.84
N ASN C 64 13.23 13.71 -15.77
CA ASN C 64 13.05 12.45 -15.03
C ASN C 64 12.38 11.35 -15.85
N ARG C 65 12.49 11.37 -17.19
CA ARG C 65 11.92 10.31 -17.95
C ARG C 65 12.51 8.94 -17.50
N SER C 66 11.72 7.89 -17.54
CA SER C 66 12.20 6.58 -17.19
C SER C 66 13.35 6.19 -18.15
N SER C 67 13.15 6.37 -19.46
CA SER C 67 14.11 5.91 -20.44
C SER C 67 14.98 7.05 -20.97
N ILE C 68 16.26 6.75 -21.10
CA ILE C 68 17.23 7.62 -21.76
C ILE C 68 16.76 8.00 -23.20
N HIS C 69 15.91 7.19 -23.84
CA HIS C 69 15.49 7.45 -25.21
C HIS C 69 14.22 8.26 -25.31
N SER C 70 13.56 8.57 -24.18
CA SER C 70 12.29 9.26 -24.27
C SER C 70 12.46 10.75 -24.46
N TYR C 71 11.47 11.37 -25.07
CA TYR C 71 11.53 12.79 -25.40
C TYR C 71 11.57 13.67 -24.15
N ARG C 72 12.42 14.70 -24.19
CA ARG C 72 12.64 15.60 -23.05
C ARG C 72 12.11 17.03 -23.24
N GLY C 73 11.79 17.42 -24.47
CA GLY C 73 11.36 18.78 -24.72
C GLY C 73 12.46 19.73 -25.22
N VAL C 74 12.05 20.96 -25.58
CA VAL C 74 12.97 21.89 -26.27
C VAL C 74 14.11 22.38 -25.37
N GLY C 75 13.97 22.24 -24.07
CA GLY C 75 15.07 22.66 -23.17
C GLY C 75 14.86 24.08 -22.64
N LEU C 76 15.69 24.46 -21.67
CA LEU C 76 15.53 25.70 -20.92
C LEU C 76 15.52 26.99 -21.82
N ASP C 77 16.54 27.16 -22.64
CA ASP C 77 16.69 28.40 -23.42
C ASP C 77 15.52 28.60 -24.39
N GLU C 78 15.20 27.57 -25.16
CA GLU C 78 14.08 27.66 -26.12
C GLU C 78 12.76 27.69 -25.40
N GLY C 79 12.68 27.01 -24.26
CA GLY C 79 11.44 26.97 -23.53
C GLY C 79 11.05 28.35 -22.96
N LEU C 80 12.03 29.07 -22.42
CA LEU C 80 11.77 30.38 -21.89
C LEU C 80 11.40 31.36 -22.99
N LYS C 81 12.00 31.20 -24.17
CA LYS C 81 11.59 32.01 -25.33
C LYS C 81 10.15 31.76 -25.70
N ILE C 82 9.73 30.49 -25.67
CA ILE C 82 8.33 30.18 -25.98
C ILE C 82 7.41 30.81 -24.96
N PHE C 83 7.77 30.67 -23.69
CA PHE C 83 6.94 31.20 -22.65
C PHE C 83 6.80 32.73 -22.74
N ALA C 84 7.90 33.40 -23.11
CA ALA C 84 7.87 34.87 -23.24
C ALA C 84 6.83 35.28 -24.29
N GLU C 85 6.79 34.52 -25.37
CA GLU C 85 5.87 34.79 -26.44
CA GLU C 85 5.83 34.82 -26.44
C GLU C 85 4.41 34.46 -26.03
N VAL C 86 4.24 33.39 -25.23
CA VAL C 86 2.92 33.01 -24.75
C VAL C 86 2.35 34.15 -23.87
N LYS C 87 3.16 34.61 -22.94
CA LYS C 87 2.78 35.75 -22.06
C LYS C 87 2.40 37.03 -22.87
N ALA C 88 3.27 37.42 -23.81
CA ALA C 88 3.04 38.62 -24.56
C ALA C 88 1.79 38.49 -25.47
N ARG C 89 1.61 37.33 -26.07
CA ARG C 89 0.48 37.14 -27.00
C ARG C 89 -0.86 37.13 -26.29
N PHE C 90 -0.92 36.46 -25.13
CA PHE C 90 -2.20 36.22 -24.48
C PHE C 90 -2.42 36.96 -23.16
N GLY C 91 -1.36 37.52 -22.60
CA GLY C 91 -1.45 38.16 -21.30
C GLY C 91 -1.71 37.16 -20.17
N VAL C 92 -1.29 35.91 -20.34
CA VAL C 92 -1.56 34.87 -19.38
C VAL C 92 -0.32 34.63 -18.50
N PRO C 93 -0.49 34.43 -17.17
CA PRO C 93 0.68 33.97 -16.41
C PRO C 93 1.01 32.52 -16.72
N VAL C 94 2.24 32.13 -16.45
CA VAL C 94 2.67 30.77 -16.76
C VAL C 94 3.34 30.12 -15.54
N ILE C 95 3.19 28.80 -15.46
CA ILE C 95 3.82 27.94 -14.45
C ILE C 95 4.70 26.95 -15.18
N THR C 96 5.93 26.77 -14.70
CA THR C 96 6.76 25.70 -15.19
C THR C 96 7.58 25.09 -14.04
N ASP C 97 8.08 23.86 -14.25
CA ASP C 97 8.86 23.16 -13.21
C ASP C 97 10.37 23.36 -13.40
N VAL C 98 11.09 23.29 -12.27
CA VAL C 98 12.50 23.64 -12.18
C VAL C 98 13.27 22.45 -11.61
N HIS C 99 14.32 22.01 -12.31
CA HIS C 99 14.99 20.77 -12.01
C HIS C 99 16.34 20.91 -11.31
N GLU C 100 16.97 22.07 -11.42
CA GLU C 100 18.28 22.34 -10.82
C GLU C 100 18.26 23.74 -10.19
N ALA C 101 18.99 23.89 -9.10
CA ALA C 101 19.03 25.15 -8.37
C ALA C 101 19.32 26.32 -9.29
N GLU C 102 20.29 26.14 -10.19
CA GLU C 102 20.81 27.23 -11.03
C GLU C 102 19.73 27.64 -12.06
N GLN C 103 18.71 26.82 -12.30
CA GLN C 103 17.65 27.21 -13.26
C GLN C 103 16.64 28.18 -12.65
N ALA C 104 16.58 28.24 -11.34
CA ALA C 104 15.45 28.95 -10.66
C ALA C 104 15.44 30.42 -11.04
N ALA C 105 16.59 31.08 -10.95
CA ALA C 105 16.64 32.53 -11.14
C ALA C 105 16.29 32.88 -12.61
N PRO C 106 16.90 32.18 -13.63
CA PRO C 106 16.51 32.53 -14.99
C PRO C 106 15.07 32.16 -15.31
N VAL C 107 14.57 31.06 -14.77
CA VAL C 107 13.16 30.73 -15.01
C VAL C 107 12.24 31.82 -14.44
N ALA C 108 12.56 32.30 -13.23
CA ALA C 108 11.75 33.28 -12.52
C ALA C 108 11.68 34.65 -13.23
N GLU C 109 12.65 34.96 -14.09
CA GLU C 109 12.53 36.16 -14.90
C GLU C 109 11.30 36.09 -15.79
N ILE C 110 10.91 34.89 -16.23
CA ILE C 110 9.83 34.73 -17.25
C ILE C 110 8.55 34.15 -16.62
N ALA C 111 8.72 33.06 -15.90
CA ALA C 111 7.56 32.34 -15.33
C ALA C 111 7.00 33.08 -14.09
N ASP C 112 5.69 32.94 -13.88
CA ASP C 112 4.99 33.56 -12.78
C ASP C 112 4.79 32.67 -11.55
N VAL C 113 4.91 31.35 -11.73
CA VAL C 113 4.90 30.37 -10.66
C VAL C 113 5.99 29.34 -11.00
N LEU C 114 6.80 28.97 -10.01
CA LEU C 114 7.81 27.91 -10.18
C LEU C 114 7.33 26.66 -9.44
N GLN C 115 7.42 25.52 -10.11
CA GLN C 115 7.01 24.25 -9.57
C GLN C 115 8.20 23.38 -9.15
N VAL C 116 8.13 22.83 -7.93
CA VAL C 116 9.09 21.86 -7.45
C VAL C 116 8.61 20.46 -7.86
N PRO C 117 9.42 19.74 -8.61
CA PRO C 117 8.96 18.41 -9.05
C PRO C 117 8.80 17.42 -7.91
N ALA C 118 7.83 16.53 -8.06
CA ALA C 118 7.48 15.56 -7.00
C ALA C 118 8.71 14.84 -6.41
N PHE C 119 9.53 14.24 -7.26
CA PHE C 119 10.63 13.47 -6.78
C PHE C 119 11.64 14.31 -6.00
N LEU C 120 11.66 15.60 -6.29
CA LEU C 120 12.73 16.52 -5.81
C LEU C 120 12.30 17.37 -4.66
N ALA C 121 11.09 17.13 -4.14
CA ALA C 121 10.54 18.02 -3.12
C ALA C 121 11.26 17.97 -1.77
N ARG C 122 12.06 16.95 -1.52
CA ARG C 122 12.90 16.88 -0.32
C ARG C 122 14.29 17.49 -0.51
N GLN C 123 14.64 17.87 -1.73
CA GLN C 123 16.00 18.38 -2.01
C GLN C 123 16.17 19.86 -1.57
N THR C 124 16.82 20.02 -0.42
CA THR C 124 16.91 21.30 0.27
C THR C 124 17.42 22.44 -0.63
N ASP C 125 18.56 22.23 -1.30
CA ASP C 125 19.16 23.28 -2.10
C ASP C 125 18.29 23.67 -3.32
N LEU C 126 17.54 22.74 -3.86
CA LEU C 126 16.67 23.06 -4.97
C LEU C 126 15.51 23.86 -4.46
N VAL C 127 14.90 23.37 -3.38
CA VAL C 127 13.73 24.06 -2.83
C VAL C 127 14.10 25.48 -2.43
N VAL C 128 15.21 25.63 -1.74
CA VAL C 128 15.66 26.96 -1.30
C VAL C 128 15.92 27.87 -2.49
N ALA C 129 16.58 27.36 -3.53
CA ALA C 129 16.90 28.15 -4.72
C ALA C 129 15.61 28.62 -5.42
N ILE C 130 14.63 27.71 -5.51
CA ILE C 130 13.30 28.06 -6.07
C ILE C 130 12.59 29.11 -5.20
N ALA C 131 12.61 28.90 -3.89
CA ALA C 131 11.99 29.85 -2.99
C ALA C 131 12.61 31.22 -3.15
N LYS C 132 13.94 31.27 -3.21
CA LYS C 132 14.67 32.54 -3.23
C LYS C 132 14.40 33.31 -4.50
N ALA C 133 13.98 32.65 -5.59
CA ALA C 133 13.76 33.34 -6.87
C ALA C 133 12.57 34.30 -6.78
N GLY C 134 11.77 34.20 -5.72
CA GLY C 134 10.81 35.25 -5.36
C GLY C 134 9.44 35.19 -6.05
N LYS C 135 9.13 34.11 -6.76
CA LYS C 135 7.78 33.92 -7.28
C LYS C 135 7.03 32.87 -6.41
N PRO C 136 5.69 32.85 -6.52
CA PRO C 136 4.93 31.75 -5.91
C PRO C 136 5.46 30.38 -6.35
N VAL C 137 5.42 29.42 -5.42
CA VAL C 137 5.94 28.09 -5.57
C VAL C 137 4.79 27.11 -5.52
N ASN C 138 4.75 26.20 -6.47
CA ASN C 138 3.85 25.08 -6.43
C ASN C 138 4.68 23.85 -6.07
N VAL C 139 4.47 23.26 -4.91
CA VAL C 139 5.20 22.06 -4.52
C VAL C 139 4.39 20.82 -4.92
N LYS C 140 4.90 20.02 -5.88
CA LYS C 140 4.24 18.74 -6.15
C LYS C 140 4.51 17.81 -4.98
N LYS C 141 3.46 17.30 -4.36
CA LYS C 141 3.58 16.36 -3.26
C LYS C 141 4.09 15.00 -3.79
N PRO C 142 5.26 14.57 -3.31
CA PRO C 142 5.79 13.31 -3.78
C PRO C 142 4.83 12.16 -3.49
N GLN C 143 4.85 11.18 -4.38
CA GLN C 143 4.13 9.95 -4.26
C GLN C 143 4.51 9.24 -2.93
N PHE C 144 5.70 9.52 -2.42
CA PHE C 144 6.24 8.86 -1.22
C PHE C 144 6.03 9.68 0.09
N MET C 145 5.42 10.87 -0.01
CA MET C 145 5.27 11.78 1.15
C MET C 145 3.83 11.85 1.68
N SER C 146 3.66 11.69 2.99
CA SER C 146 2.35 11.79 3.58
C SER C 146 1.93 13.29 3.60
N PRO C 147 0.60 13.56 3.61
CA PRO C 147 0.11 14.90 3.55
C PRO C 147 0.53 15.80 4.72
N THR C 148 0.77 15.22 5.89
CA THR C 148 1.16 15.98 7.08
C THR C 148 2.69 16.28 7.09
N GLN C 149 3.45 15.85 6.06
CA GLN C 149 4.86 16.15 5.95
C GLN C 149 5.22 17.30 5.00
N LEU C 150 4.27 17.80 4.22
CA LEU C 150 4.53 18.94 3.37
C LEU C 150 4.98 20.16 4.12
N LYS C 151 4.48 20.31 5.36
CA LYS C 151 4.86 21.49 6.20
C LYS C 151 6.38 21.76 6.20
N HIS C 152 7.18 20.71 6.14
CA HIS C 152 8.63 20.89 6.18
C HIS C 152 9.13 21.50 4.90
N VAL C 153 8.50 21.19 3.75
CA VAL C 153 8.89 21.84 2.51
C VAL C 153 8.51 23.34 2.56
N VAL C 154 7.30 23.63 3.08
CA VAL C 154 6.81 24.99 3.22
C VAL C 154 7.71 25.80 4.14
N SER C 155 8.15 25.19 5.24
CA SER C 155 9.12 25.83 6.12
C SER C 155 10.47 26.13 5.45
N LYS C 156 10.97 25.26 4.58
CA LYS C 156 12.23 25.57 3.87
C LYS C 156 12.07 26.85 3.08
N CYS C 157 10.94 26.99 2.38
CA CYS C 157 10.62 28.18 1.60
C CYS C 157 10.47 29.40 2.50
N GLY C 158 9.76 29.24 3.60
CA GLY C 158 9.54 30.35 4.55
C GLY C 158 10.85 30.85 5.15
N GLU C 159 11.77 29.92 5.38
CA GLU C 159 13.09 30.23 6.00
C GLU C 159 13.89 31.19 5.17
N VAL C 160 13.71 31.16 3.87
CA VAL C 160 14.43 32.10 3.02
C VAL C 160 13.52 33.19 2.51
N GLY C 161 12.34 33.39 3.12
CA GLY C 161 11.52 34.58 2.87
C GLY C 161 10.42 34.44 1.83
N ASN C 162 10.04 33.23 1.45
CA ASN C 162 8.97 33.04 0.48
C ASN C 162 7.76 32.39 1.16
N ASP C 163 6.75 33.21 1.40
CA ASP C 163 5.52 32.82 2.07
C ASP C 163 4.42 32.49 1.04
N ARG C 164 4.75 32.50 -0.25
CA ARG C 164 3.74 32.22 -1.26
C ARG C 164 3.89 30.83 -1.84
N VAL C 165 3.38 29.86 -1.07
CA VAL C 165 3.58 28.45 -1.36
C VAL C 165 2.27 27.75 -1.51
N MET C 166 2.15 26.95 -2.55
CA MET C 166 0.95 26.20 -2.83
C MET C 166 1.32 24.71 -2.89
N LEU C 167 0.37 23.84 -2.64
CA LEU C 167 0.66 22.41 -2.43
C LEU C 167 -0.18 21.61 -3.37
N CYS C 168 0.47 20.78 -4.17
CA CYS C 168 -0.22 20.14 -5.29
C CYS C 168 -0.24 18.59 -5.18
N GLU C 169 -1.42 18.06 -5.01
CA GLU C 169 -1.69 16.64 -4.92
C GLU C 169 -1.56 15.94 -6.26
N ARG C 170 -0.80 14.87 -6.30
CA ARG C 170 -0.70 14.04 -7.52
CA ARG C 170 -0.71 14.05 -7.52
C ARG C 170 -0.73 12.54 -7.26
N GLY C 171 -1.25 12.15 -6.13
CA GLY C 171 -1.44 10.76 -5.81
C GLY C 171 -0.38 10.23 -4.91
N SER C 172 -0.70 9.11 -4.28
CA SER C 172 0.21 8.42 -3.35
C SER C 172 0.48 7.00 -3.86
N SER C 173 1.69 6.49 -3.61
CA SER C 173 2.06 5.12 -4.10
C SER C 173 1.14 4.05 -3.44
N PHE C 174 0.57 3.18 -4.27
CA PHE C 174 -0.41 2.19 -3.86
C PHE C 174 0.01 0.86 -4.46
N GLY C 175 0.74 0.05 -3.71
CA GLY C 175 1.42 -1.07 -4.25
C GLY C 175 2.47 -0.65 -5.26
N TYR C 176 2.76 -1.51 -6.22
CA TYR C 176 3.68 -1.20 -7.28
C TYR C 176 2.98 -0.53 -8.44
N ASP C 177 3.60 0.50 -9.02
CA ASP C 177 3.20 0.98 -10.34
C ASP C 177 1.78 1.55 -10.42
N ASN C 178 1.25 2.03 -9.31
CA ASN C 178 -0.10 2.51 -9.24
C ASN C 178 -0.19 3.61 -8.18
N LEU C 179 -1.12 4.52 -8.40
CA LEU C 179 -1.38 5.62 -7.48
C LEU C 179 -2.82 5.57 -7.06
N VAL C 180 -3.07 6.01 -5.86
CA VAL C 180 -4.40 6.35 -5.43
C VAL C 180 -4.36 7.77 -4.85
N VAL C 181 -5.49 8.47 -4.92
CA VAL C 181 -5.65 9.77 -4.32
C VAL C 181 -6.51 9.67 -3.04
N ASP C 182 -5.89 10.03 -1.93
CA ASP C 182 -6.56 10.09 -0.64
C ASP C 182 -7.19 11.45 -0.52
N MET C 183 -8.51 11.50 -0.68
CA MET C 183 -9.21 12.79 -0.66
C MET C 183 -9.19 13.44 0.74
N LEU C 184 -8.80 12.67 1.75
CA LEU C 184 -8.66 13.20 3.11
C LEU C 184 -7.39 14.07 3.27
N GLY C 185 -6.45 13.93 2.35
CA GLY C 185 -5.16 14.60 2.47
C GLY C 185 -5.20 16.11 2.23
N PHE C 186 -6.21 16.56 1.48
CA PHE C 186 -6.29 17.97 1.14
C PHE C 186 -6.35 18.84 2.42
N ARG C 187 -7.28 18.49 3.28
CA ARG C 187 -7.45 19.22 4.50
C ARG C 187 -6.20 19.12 5.37
N GLN C 188 -5.57 17.95 5.40
CA GLN C 188 -4.40 17.76 6.26
C GLN C 188 -3.23 18.65 5.74
N MET C 189 -3.10 18.75 4.42
CA MET C 189 -2.09 19.66 3.84
C MET C 189 -2.38 21.12 4.22
N ALA C 190 -3.62 21.55 4.11
CA ALA C 190 -3.99 22.95 4.40
C ALA C 190 -3.79 23.27 5.87
N GLU C 191 -4.36 22.45 6.74
CA GLU C 191 -4.36 22.74 8.19
C GLU C 191 -3.00 22.66 8.83
N THR C 192 -2.10 21.86 8.28
CA THR C 192 -0.80 21.70 8.94
C THR C 192 0.21 22.70 8.39
N THR C 193 -0.20 23.50 7.39
CA THR C 193 0.73 24.44 6.75
C THR C 193 0.23 25.87 6.84
N GLY C 194 -0.69 26.16 7.77
CA GLY C 194 -1.18 27.52 7.94
C GLY C 194 -2.11 27.96 6.80
N GLY C 195 -2.72 27.01 6.10
CA GLY C 195 -3.74 27.33 5.11
C GLY C 195 -3.21 27.56 3.69
N CYS C 196 -2.09 26.97 3.35
CA CYS C 196 -1.58 27.05 1.97
C CYS C 196 -2.64 26.60 0.99
N PRO C 197 -2.77 27.29 -0.14
CA PRO C 197 -3.59 26.80 -1.25
C PRO C 197 -3.26 25.36 -1.63
N VAL C 198 -4.30 24.53 -1.75
CA VAL C 198 -4.11 23.16 -2.20
C VAL C 198 -4.64 23.01 -3.63
N ILE C 199 -3.83 22.38 -4.49
CA ILE C 199 -4.13 22.23 -5.90
C ILE C 199 -4.21 20.74 -6.20
N PHE C 200 -5.12 20.33 -7.08
CA PHE C 200 -5.22 18.93 -7.42
C PHE C 200 -4.76 18.69 -8.86
N ASP C 201 -3.66 17.96 -9.00
CA ASP C 201 -3.15 17.56 -10.31
C ASP C 201 -3.87 16.27 -10.70
N VAL C 202 -4.97 16.43 -11.44
CA VAL C 202 -5.77 15.34 -11.78
C VAL C 202 -5.04 14.48 -12.83
N THR C 203 -4.27 15.11 -13.70
CA THR C 203 -3.56 14.41 -14.76
C THR C 203 -2.54 13.39 -14.18
N HIS C 204 -1.62 13.85 -13.36
CA HIS C 204 -0.60 12.94 -12.88
C HIS C 204 -1.14 11.96 -11.86
N SER C 205 -2.24 12.28 -11.19
CA SER C 205 -2.89 11.34 -10.29
C SER C 205 -3.42 10.10 -11.03
N LEU C 206 -3.57 10.18 -12.34
CA LEU C 206 -4.13 9.10 -13.15
C LEU C 206 -3.02 8.14 -13.65
N GLN C 207 -1.75 8.45 -13.35
CA GLN C 207 -0.63 7.62 -13.78
CA GLN C 207 -0.64 7.61 -13.78
C GLN C 207 -0.73 6.22 -13.18
N CYS C 208 -0.26 5.26 -13.94
CA CYS C 208 -0.06 3.89 -13.48
C CYS C 208 0.91 3.33 -14.53
N ARG C 209 1.45 2.15 -14.30
CA ARG C 209 2.31 1.56 -15.31
C ARG C 209 2.33 0.06 -15.33
N ASP C 210 2.76 -0.45 -16.47
CA ASP C 210 3.04 -1.84 -16.70
C ASP C 210 4.38 -2.11 -16.02
N PRO C 211 4.51 -3.25 -15.32
CA PRO C 211 5.77 -3.51 -14.59
C PRO C 211 7.03 -3.50 -15.49
N LEU C 212 6.88 -3.85 -16.78
CA LEU C 212 8.01 -3.93 -17.68
C LEU C 212 8.04 -2.79 -18.69
N GLY C 213 7.08 -1.87 -18.65
CA GLY C 213 6.98 -0.76 -19.64
C GLY C 213 8.17 0.21 -19.63
N ASP C 214 8.27 1.00 -20.71
CA ASP C 214 9.31 2.02 -20.94
C ASP C 214 8.86 3.44 -20.62
N ALA C 215 7.56 3.66 -20.57
CA ALA C 215 6.93 4.99 -20.36
C ALA C 215 5.69 4.79 -19.48
N SER C 216 5.20 5.88 -18.86
CA SER C 216 4.06 5.76 -17.97
C SER C 216 2.81 5.36 -18.72
N GLY C 217 2.03 4.48 -18.09
CA GLY C 217 0.62 4.31 -18.48
C GLY C 217 -0.19 5.44 -17.86
N GLY C 218 -1.50 5.30 -17.89
CA GLY C 218 -2.38 6.39 -17.43
C GLY C 218 -3.83 6.12 -17.74
N ARG C 219 -4.72 6.89 -17.12
CA ARG C 219 -6.15 6.56 -17.13
C ARG C 219 -7.03 7.77 -17.47
N ARG C 220 -6.69 8.45 -18.56
CA ARG C 220 -7.47 9.64 -18.99
C ARG C 220 -8.96 9.44 -19.10
N ARG C 221 -9.41 8.23 -19.45
CA ARG C 221 -10.87 8.02 -19.58
C ARG C 221 -11.60 8.30 -18.27
N GLN C 222 -10.87 8.34 -17.14
CA GLN C 222 -11.49 8.57 -15.82
C GLN C 222 -11.21 9.95 -15.22
N VAL C 223 -10.69 10.88 -16.03
CA VAL C 223 -10.36 12.21 -15.57
C VAL C 223 -11.54 12.97 -14.93
N LEU C 224 -12.73 12.83 -15.49
CA LEU C 224 -13.88 13.55 -14.94
C LEU C 224 -14.31 12.97 -13.56
N ASP C 225 -14.29 11.66 -13.43
CA ASP C 225 -14.61 11.03 -12.14
C ASP C 225 -13.74 11.62 -11.06
N LEU C 226 -12.44 11.65 -11.32
CA LEU C 226 -11.48 12.03 -10.28
C LEU C 226 -11.51 13.54 -10.05
N ALA C 227 -11.62 14.32 -11.14
CA ALA C 227 -11.68 15.77 -11.07
C ALA C 227 -12.92 16.25 -10.31
N ARG C 228 -14.07 15.64 -10.61
CA ARG C 228 -15.27 15.91 -9.85
C ARG C 228 -15.05 15.70 -8.36
N ALA C 229 -14.44 14.56 -7.99
CA ALA C 229 -14.24 14.21 -6.56
C ALA C 229 -13.39 15.23 -5.85
N GLY C 230 -12.28 15.58 -6.48
CA GLY C 230 -11.32 16.52 -5.88
C GLY C 230 -11.86 17.93 -5.76
N ILE C 231 -12.51 18.41 -6.82
CA ILE C 231 -13.04 19.78 -6.80
C ILE C 231 -14.16 19.87 -5.74
N ALA C 232 -14.91 18.78 -5.52
CA ALA C 232 -16.03 18.79 -4.52
C ALA C 232 -15.52 18.97 -3.08
N VAL C 233 -14.28 18.53 -2.81
CA VAL C 233 -13.73 18.73 -1.46
C VAL C 233 -13.65 20.24 -1.09
N GLY C 234 -13.40 21.11 -2.08
CA GLY C 234 -13.21 22.56 -1.82
C GLY C 234 -11.72 22.89 -1.77
N ILE C 235 -11.15 23.25 -2.92
CA ILE C 235 -9.69 23.37 -3.07
C ILE C 235 -9.41 24.61 -3.94
N ALA C 236 -8.17 25.05 -3.88
CA ALA C 236 -7.76 26.30 -4.52
C ALA C 236 -7.58 26.21 -6.01
N GLY C 237 -7.21 25.03 -6.52
CA GLY C 237 -6.94 24.90 -7.92
C GLY C 237 -6.98 23.51 -8.50
N LEU C 238 -7.10 23.46 -9.82
CA LEU C 238 -7.04 22.22 -10.56
C LEU C 238 -5.88 22.30 -11.54
N PHE C 239 -5.06 21.25 -11.60
CA PHE C 239 -3.88 21.21 -12.45
C PHE C 239 -4.21 20.12 -13.52
N LEU C 240 -4.12 20.50 -14.77
CA LEU C 240 -4.64 19.69 -15.88
C LEU C 240 -3.78 19.82 -17.08
N GLU C 241 -3.46 18.71 -17.71
CA GLU C 241 -2.82 18.71 -19.04
C GLU C 241 -3.75 18.13 -20.10
N ALA C 242 -3.57 18.60 -21.34
CA ALA C 242 -4.40 18.22 -22.44
C ALA C 242 -3.57 18.14 -23.71
N HIS C 243 -4.17 17.60 -24.73
CA HIS C 243 -3.54 17.48 -26.04
C HIS C 243 -4.65 17.23 -27.05
N PRO C 244 -4.53 17.78 -28.27
CA PRO C 244 -5.61 17.53 -29.24
C PRO C 244 -5.76 16.06 -29.58
N ASP C 245 -4.67 15.29 -29.50
CA ASP C 245 -4.70 13.86 -29.76
C ASP C 245 -3.79 13.14 -28.80
N PRO C 246 -4.32 12.77 -27.62
CA PRO C 246 -3.40 12.33 -26.56
C PRO C 246 -2.49 11.14 -26.91
N ASP C 247 -2.97 10.21 -27.73
CA ASP C 247 -2.13 9.09 -28.23
C ASP C 247 -0.86 9.55 -28.95
N ARG C 248 -0.85 10.76 -29.51
CA ARG C 248 0.34 11.29 -30.17
C ARG C 248 1.22 12.17 -29.21
N ALA C 249 0.76 12.45 -27.98
CA ALA C 249 1.57 13.25 -27.05
C ALA C 249 2.89 12.52 -26.84
N ARG C 250 3.99 13.27 -26.70
CA ARG C 250 5.32 12.70 -26.48
C ARG C 250 5.69 12.44 -25.01
N CYS C 251 4.81 12.86 -24.11
CA CYS C 251 4.94 12.51 -22.65
C CYS C 251 3.57 12.59 -21.97
N ASP C 252 3.27 11.57 -21.19
CA ASP C 252 2.07 11.46 -20.42
C ASP C 252 0.73 11.55 -21.24
N GLY C 253 0.78 11.16 -22.51
CA GLY C 253 -0.42 11.06 -23.32
C GLY C 253 -1.50 10.18 -22.68
N PRO C 254 -1.11 9.04 -22.04
CA PRO C 254 -2.16 8.21 -21.47
C PRO C 254 -3.04 8.91 -20.41
N SER C 255 -2.55 9.99 -19.81
CA SER C 255 -3.34 10.72 -18.79
C SER C 255 -3.86 12.07 -19.28
N ALA C 256 -3.53 12.45 -20.52
CA ALA C 256 -3.93 13.76 -21.07
C ALA C 256 -5.39 13.86 -21.42
N LEU C 257 -6.02 14.98 -21.09
CA LEU C 257 -7.38 15.24 -21.58
C LEU C 257 -7.37 15.54 -23.08
N PRO C 258 -8.24 14.88 -23.86
CA PRO C 258 -8.39 15.36 -25.25
C PRO C 258 -8.85 16.80 -25.25
N LEU C 259 -8.12 17.67 -25.95
CA LEU C 259 -8.34 19.13 -25.87
C LEU C 259 -9.78 19.57 -26.23
N HIS C 260 -10.41 18.92 -27.19
CA HIS C 260 -11.77 19.30 -27.53
C HIS C 260 -12.76 19.08 -26.41
N GLN C 261 -12.40 18.33 -25.37
CA GLN C 261 -13.29 18.15 -24.23
C GLN C 261 -13.03 19.12 -23.07
N LEU C 262 -12.17 20.10 -23.27
CA LEU C 262 -11.78 21.02 -22.19
C LEU C 262 -13.00 21.76 -21.64
N GLU C 263 -13.84 22.31 -22.52
CA GLU C 263 -14.98 23.11 -22.06
C GLU C 263 -15.99 22.20 -21.29
N GLY C 264 -16.25 21.01 -21.79
CA GLY C 264 -17.15 20.06 -21.13
C GLY C 264 -16.65 19.73 -19.73
N LEU C 265 -15.35 19.56 -19.57
CA LEU C 265 -14.81 19.29 -18.25
C LEU C 265 -14.88 20.53 -17.34
N LEU C 266 -14.40 21.67 -17.85
CA LEU C 266 -14.36 22.91 -17.05
C LEU C 266 -15.74 23.42 -16.62
N SER C 267 -16.77 23.25 -17.44
CA SER C 267 -18.10 23.68 -17.02
C SER C 267 -18.58 22.84 -15.82
N GLN C 268 -18.21 21.59 -15.78
CA GLN C 268 -18.57 20.78 -14.60
C GLN C 268 -17.77 21.20 -13.36
N MET C 269 -16.47 21.47 -13.55
CA MET C 269 -15.66 21.94 -12.45
C MET C 269 -16.17 23.27 -11.90
N LYS C 270 -16.51 24.21 -12.78
CA LYS C 270 -16.99 25.51 -12.30
C LYS C 270 -18.32 25.34 -11.54
N ALA C 271 -19.20 24.49 -12.06
CA ALA C 271 -20.52 24.33 -11.42
C ALA C 271 -20.34 23.73 -10.02
N ILE C 272 -19.49 22.72 -9.91
CA ILE C 272 -19.30 22.06 -8.62
C ILE C 272 -18.57 23.00 -7.65
N ASP C 273 -17.49 23.60 -8.14
CA ASP C 273 -16.72 24.55 -7.34
C ASP C 273 -17.58 25.73 -6.83
N ASP C 274 -18.38 26.35 -7.68
CA ASP C 274 -19.24 27.49 -7.23
C ASP C 274 -20.22 27.03 -6.14
N LEU C 275 -20.75 25.80 -6.26
CA LEU C 275 -21.69 25.29 -5.27
C LEU C 275 -20.97 25.06 -3.93
N VAL C 276 -19.88 24.28 -3.94
CA VAL C 276 -19.25 23.91 -2.67
C VAL C 276 -18.66 25.13 -1.95
N LYS C 277 -18.12 26.08 -2.73
CA LYS C 277 -17.51 27.28 -2.15
C LYS C 277 -18.49 28.21 -1.44
N ARG C 278 -19.79 28.04 -1.66
CA ARG C 278 -20.76 28.76 -0.84
C ARG C 278 -21.48 27.90 0.21
N MET C 279 -21.02 26.68 0.44
CA MET C 279 -21.60 25.83 1.49
C MET C 279 -20.65 25.84 2.71
N PRO C 280 -21.18 26.00 3.94
CA PRO C 280 -20.28 26.12 5.11
C PRO C 280 -19.49 24.86 5.39
N ALA C 281 -18.34 25.01 6.05
CA ALA C 281 -17.71 23.87 6.75
C ALA C 281 -18.66 23.55 7.89
N LEU C 282 -18.71 22.28 8.26
CA LEU C 282 -19.31 21.95 9.50
C LEU C 282 -18.11 21.70 10.39
N GLU C 283 -18.15 22.23 11.58
CA GLU C 283 -17.17 21.88 12.56
C GLU C 283 -17.68 20.55 13.13
N ILE C 284 -17.14 19.43 12.65
CA ILE C 284 -17.47 18.11 13.19
C ILE C 284 -16.38 17.76 14.20
N ARG C 285 -16.79 17.73 15.48
CA ARG C 285 -15.88 17.39 16.57
C ARG C 285 -16.16 15.92 17.01
N PRO D 2 -29.58 3.32 -19.56
CA PRO D 2 -28.77 2.37 -20.34
C PRO D 2 -27.29 2.47 -19.98
N GLY D 3 -26.71 1.36 -19.54
CA GLY D 3 -25.43 1.40 -18.86
C GLY D 3 -25.61 1.35 -17.34
N SER D 4 -26.86 1.35 -16.86
CA SER D 4 -27.15 1.51 -15.43
C SER D 4 -28.44 0.75 -15.00
N MET D 5 -28.35 -0.05 -13.94
CA MET D 5 -29.45 -0.92 -13.52
C MET D 5 -30.06 -0.32 -12.25
N ASN D 6 -31.39 -0.32 -12.16
CA ASN D 6 -32.04 0.22 -10.98
C ASN D 6 -32.51 -0.89 -10.07
N VAL D 7 -32.36 -0.71 -8.75
CA VAL D 7 -32.82 -1.71 -7.80
C VAL D 7 -33.97 -1.14 -6.96
N ALA D 8 -35.17 -1.71 -7.13
CA ALA D 8 -36.35 -1.34 -6.36
C ALA D 8 -36.23 -1.90 -4.98
N ILE D 9 -36.31 -1.08 -3.96
CA ILE D 9 -36.17 -1.52 -2.56
C ILE D 9 -37.51 -1.54 -1.86
N SER D 10 -38.32 -0.49 -2.06
CA SER D 10 -39.63 -0.41 -1.44
C SER D 10 -40.39 0.72 -2.13
N PRO D 11 -41.72 0.85 -1.84
CA PRO D 11 -42.49 1.89 -2.57
C PRO D 11 -41.85 3.27 -2.44
N GLY D 12 -41.51 3.87 -3.60
CA GLY D 12 -40.86 5.16 -3.66
C GLY D 12 -39.37 5.17 -3.37
N VAL D 13 -38.76 4.00 -3.21
CA VAL D 13 -37.31 3.91 -2.98
C VAL D 13 -36.67 2.94 -3.96
N THR D 14 -35.95 3.50 -4.92
CA THR D 14 -35.26 2.77 -5.95
C THR D 14 -33.84 3.33 -6.06
N ALA D 15 -32.82 2.47 -6.00
CA ALA D 15 -31.42 2.92 -6.11
C ALA D 15 -30.90 2.67 -7.49
N GLY D 16 -30.23 3.66 -8.08
CA GLY D 16 -29.58 3.47 -9.39
C GLY D 16 -28.57 4.58 -9.65
N ASN D 17 -27.52 4.28 -10.42
CA ASN D 17 -26.39 5.22 -10.55
C ASN D 17 -26.73 6.52 -11.28
N SER D 18 -27.85 6.55 -12.01
CA SER D 18 -28.25 7.79 -12.67
C SER D 18 -29.42 8.46 -11.95
N LEU D 19 -29.88 7.87 -10.85
CA LEU D 19 -31.05 8.34 -10.11
C LEU D 19 -30.62 9.21 -8.93
N PRO D 20 -31.54 10.03 -8.39
CA PRO D 20 -31.18 10.73 -7.16
C PRO D 20 -30.71 9.77 -6.09
N PHE D 21 -29.69 10.15 -5.34
CA PHE D 21 -29.05 9.17 -4.43
C PHE D 21 -30.03 8.75 -3.34
N VAL D 22 -29.88 7.51 -2.88
CA VAL D 22 -30.65 6.95 -1.75
C VAL D 22 -29.78 6.95 -0.53
N LEU D 23 -30.31 7.41 0.61
CA LEU D 23 -29.54 7.40 1.88
C LEU D 23 -29.85 6.11 2.62
N PHE D 24 -28.80 5.32 2.87
CA PHE D 24 -28.84 4.18 3.72
C PHE D 24 -28.22 4.65 5.02
N GLY D 25 -29.07 5.15 5.90
CA GLY D 25 -28.59 5.90 7.06
C GLY D 25 -29.12 5.31 8.34
N GLY D 26 -28.31 5.34 9.38
CA GLY D 26 -28.84 4.93 10.68
C GLY D 26 -27.76 4.94 11.72
N ILE D 27 -27.65 3.82 12.43
CA ILE D 27 -26.78 3.66 13.58
C ILE D 27 -25.96 2.41 13.44
N ASN D 28 -24.84 2.35 14.14
CA ASN D 28 -23.97 1.20 14.01
C ASN D 28 -24.60 -0.16 14.48
N VAL D 29 -25.20 -0.14 15.66
CA VAL D 29 -25.63 -1.35 16.33
C VAL D 29 -26.93 -1.12 17.11
N LEU D 30 -27.84 -2.08 17.06
CA LEU D 30 -29.05 -2.03 17.86
C LEU D 30 -28.74 -2.25 19.31
N GLU D 31 -29.12 -1.29 20.18
CA GLU D 31 -28.96 -1.40 21.64
C GLU D 31 -30.28 -1.50 22.40
N SER D 32 -31.28 -0.74 21.97
CA SER D 32 -32.58 -0.75 22.63
C SER D 32 -33.59 -0.22 21.65
N LEU D 33 -34.85 -0.51 21.95
CA LEU D 33 -35.96 -0.10 21.09
C LEU D 33 -36.08 1.41 21.01
N ASP D 34 -36.15 2.08 22.15
CA ASP D 34 -36.47 3.52 22.14
C ASP D 34 -35.37 4.38 21.50
N PHE D 35 -34.13 4.06 21.78
CA PHE D 35 -33.03 4.83 21.21
C PHE D 35 -33.04 4.64 19.70
N THR D 36 -33.27 3.40 19.24
CA THR D 36 -33.38 3.14 17.80
C THR D 36 -34.52 3.98 17.19
N LEU D 37 -35.70 3.96 17.81
CA LEU D 37 -36.84 4.70 17.30
C LEU D 37 -36.55 6.21 17.25
N ASP D 38 -35.96 6.73 18.32
CA ASP D 38 -35.66 8.14 18.40
C ASP D 38 -34.66 8.58 17.31
N VAL D 39 -33.60 7.81 17.11
CA VAL D 39 -32.64 8.17 16.08
C VAL D 39 -33.28 8.06 14.67
N CYS D 40 -33.98 6.95 14.42
CA CYS D 40 -34.63 6.77 13.13
C CYS D 40 -35.61 7.94 12.86
N GLY D 41 -36.33 8.36 13.90
CA GLY D 41 -37.26 9.49 13.75
C GLY D 41 -36.58 10.77 13.27
N GLU D 42 -35.35 10.98 13.75
CA GLU D 42 -34.60 12.13 13.35
C GLU D 42 -34.25 12.00 11.88
N TYR D 43 -33.77 10.82 11.45
CA TYR D 43 -33.47 10.61 10.04
C TYR D 43 -34.71 10.84 9.17
N VAL D 44 -35.85 10.32 9.62
CA VAL D 44 -37.07 10.37 8.83
C VAL D 44 -37.47 11.82 8.63
N ALA D 45 -37.45 12.59 9.71
CA ALA D 45 -37.82 13.99 9.66
C ALA D 45 -36.87 14.78 8.76
N VAL D 46 -35.58 14.53 8.86
CA VAL D 46 -34.62 15.26 8.03
C VAL D 46 -34.77 14.85 6.57
N THR D 47 -34.84 13.55 6.30
CA THR D 47 -34.93 13.10 4.90
C THR D 47 -36.25 13.51 4.25
N ARG D 48 -37.35 13.47 5.00
CA ARG D 48 -38.66 13.90 4.46
C ARG D 48 -38.59 15.36 4.03
N LYS D 49 -38.03 16.19 4.91
CA LYS D 49 -37.93 17.63 4.68
C LYS D 49 -37.08 17.93 3.44
N LEU D 50 -35.97 17.20 3.29
CA LEU D 50 -35.05 17.46 2.18
C LEU D 50 -35.45 16.73 0.90
N GLY D 51 -36.30 15.71 1.00
CA GLY D 51 -36.73 14.95 -0.16
C GLY D 51 -35.74 13.88 -0.63
N ILE D 52 -35.10 13.23 0.32
CA ILE D 52 -34.08 12.21 0.00
C ILE D 52 -34.69 10.85 0.30
N PRO D 53 -34.68 9.92 -0.68
CA PRO D 53 -35.15 8.56 -0.37
C PRO D 53 -34.31 7.92 0.71
N PHE D 54 -34.95 7.16 1.59
CA PHE D 54 -34.34 6.73 2.84
C PHE D 54 -34.57 5.29 3.20
N VAL D 55 -33.50 4.61 3.59
CA VAL D 55 -33.50 3.25 4.13
C VAL D 55 -32.75 3.27 5.45
N PHE D 56 -33.37 2.82 6.52
CA PHE D 56 -32.75 2.89 7.84
C PHE D 56 -31.79 1.71 8.07
N LYS D 57 -30.56 1.99 8.51
CA LYS D 57 -29.55 0.95 8.78
C LYS D 57 -29.30 0.74 10.27
N ALA D 58 -29.10 -0.51 10.65
CA ALA D 58 -28.51 -0.88 11.93
C ALA D 58 -28.06 -2.33 11.84
N SER D 59 -27.06 -2.72 12.64
CA SER D 59 -26.67 -4.12 12.82
C SER D 59 -27.35 -4.70 14.07
N PHE D 60 -27.92 -5.90 13.94
CA PHE D 60 -28.39 -6.61 15.13
C PHE D 60 -27.24 -7.28 15.90
N ASP D 61 -26.14 -7.56 15.22
CA ASP D 61 -24.96 -8.19 15.85
C ASP D 61 -23.72 -7.64 15.20
N LYS D 62 -22.72 -7.36 16.03
CA LYS D 62 -21.37 -7.11 15.57
C LYS D 62 -20.58 -8.41 15.78
N ALA D 63 -20.51 -9.20 14.70
CA ALA D 63 -19.95 -10.54 14.75
C ALA D 63 -18.43 -10.57 14.56
N ASN D 64 -17.82 -9.41 14.34
CA ASN D 64 -16.43 -9.28 14.02
C ASN D 64 -15.67 -8.25 14.88
N ARG D 65 -16.13 -7.98 16.10
CA ARG D 65 -15.35 -7.08 16.93
C ARG D 65 -13.91 -7.62 17.10
N SER D 66 -12.96 -6.74 17.22
CA SER D 66 -11.62 -7.14 17.49
C SER D 66 -11.53 -7.86 18.86
N SER D 67 -12.11 -7.28 19.89
CA SER D 67 -11.97 -7.82 21.23
C SER D 67 -13.17 -8.64 21.64
N ILE D 68 -12.91 -9.76 22.30
CA ILE D 68 -13.96 -10.60 22.94
C ILE D 68 -14.78 -9.81 23.96
N HIS D 69 -14.26 -8.71 24.49
CA HIS D 69 -14.95 -7.92 25.51
C HIS D 69 -15.77 -6.78 24.92
N SER D 70 -15.74 -6.56 23.61
CA SER D 70 -16.45 -5.40 23.04
C SER D 70 -17.91 -5.70 22.80
N TYR D 71 -18.74 -4.64 22.85
CA TYR D 71 -20.17 -4.80 22.74
C TYR D 71 -20.58 -5.34 21.36
N ARG D 72 -21.52 -6.28 21.36
CA ARG D 72 -22.00 -6.93 20.14
C ARG D 72 -23.43 -6.58 19.70
N GLY D 73 -24.24 -5.97 20.57
CA GLY D 73 -25.62 -5.60 20.23
C GLY D 73 -26.64 -6.59 20.77
N VAL D 74 -27.91 -6.26 20.62
CA VAL D 74 -29.00 -7.06 21.20
C VAL D 74 -29.11 -8.45 20.62
N GLY D 75 -28.54 -8.68 19.44
CA GLY D 75 -28.63 -10.01 18.84
C GLY D 75 -29.80 -10.17 17.90
N LEU D 76 -29.86 -11.32 17.23
CA LEU D 76 -30.82 -11.54 16.15
C LEU D 76 -32.28 -11.41 16.58
N ASP D 77 -32.69 -12.14 17.60
CA ASP D 77 -34.14 -12.20 17.97
C ASP D 77 -34.70 -10.84 18.39
N GLU D 78 -33.99 -10.17 19.31
CA GLU D 78 -34.39 -8.82 19.75
C GLU D 78 -34.22 -7.82 18.63
N GLY D 79 -33.19 -8.00 17.80
CA GLY D 79 -32.92 -7.06 16.72
C GLY D 79 -34.04 -7.03 15.70
N LEU D 80 -34.53 -8.20 15.30
CA LEU D 80 -35.61 -8.26 14.35
C LEU D 80 -36.91 -7.67 14.94
N LYS D 81 -37.13 -7.86 16.25
CA LYS D 81 -38.29 -7.24 16.91
C LYS D 81 -38.19 -5.72 16.85
N ILE D 82 -36.99 -5.18 17.10
CA ILE D 82 -36.79 -3.74 17.02
C ILE D 82 -37.05 -3.24 15.58
N PHE D 83 -36.52 -3.95 14.60
CA PHE D 83 -36.72 -3.58 13.20
C PHE D 83 -38.22 -3.62 12.81
N ALA D 84 -38.94 -4.63 13.29
CA ALA D 84 -40.40 -4.69 13.00
C ALA D 84 -41.14 -3.44 13.51
N GLU D 85 -40.74 -2.97 14.70
CA GLU D 85 -41.34 -1.83 15.36
C GLU D 85 -40.93 -0.54 14.59
N VAL D 86 -39.70 -0.49 14.11
CA VAL D 86 -39.24 0.65 13.32
C VAL D 86 -40.09 0.77 12.04
N LYS D 87 -40.26 -0.36 11.33
CA LYS D 87 -41.03 -0.38 10.09
C LYS D 87 -42.51 0.02 10.33
N ALA D 88 -43.12 -0.52 11.39
CA ALA D 88 -44.51 -0.21 11.72
C ALA D 88 -44.66 1.25 12.13
N ARG D 89 -43.72 1.76 12.92
CA ARG D 89 -43.87 3.12 13.43
C ARG D 89 -43.69 4.14 12.29
N PHE D 90 -42.69 3.92 11.42
CA PHE D 90 -42.29 4.96 10.47
C PHE D 90 -42.60 4.63 9.01
N GLY D 91 -42.88 3.37 8.70
CA GLY D 91 -43.12 2.98 7.32
C GLY D 91 -41.88 3.05 6.47
N VAL D 92 -40.72 2.91 7.08
CA VAL D 92 -39.46 3.06 6.38
C VAL D 92 -38.80 1.66 6.13
N PRO D 93 -38.14 1.45 4.97
CA PRO D 93 -37.47 0.14 4.78
C PRO D 93 -36.22 0.09 5.59
N VAL D 94 -35.75 -1.12 5.87
CA VAL D 94 -34.54 -1.25 6.69
C VAL D 94 -33.50 -2.13 6.00
N ILE D 95 -32.22 -1.88 6.34
CA ILE D 95 -31.09 -2.67 5.87
C ILE D 95 -30.35 -3.17 7.10
N THR D 96 -29.99 -4.44 7.11
CA THR D 96 -29.12 -4.98 8.15
C THR D 96 -28.17 -6.05 7.57
N ASP D 97 -27.06 -6.28 8.28
CA ASP D 97 -26.07 -7.24 7.81
C ASP D 97 -26.32 -8.62 8.37
N VAL D 98 -25.87 -9.64 7.61
CA VAL D 98 -26.12 -11.05 7.87
C VAL D 98 -24.80 -11.80 7.96
N HIS D 99 -24.60 -12.53 9.04
CA HIS D 99 -23.28 -13.10 9.34
C HIS D 99 -23.16 -14.60 9.14
N GLU D 100 -24.29 -15.30 9.09
CA GLU D 100 -24.34 -16.76 8.89
C GLU D 100 -25.45 -17.09 7.90
N ALA D 101 -25.21 -18.11 7.09
CA ALA D 101 -26.15 -18.55 6.05
C ALA D 101 -27.56 -18.73 6.61
N GLU D 102 -27.66 -19.33 7.81
CA GLU D 102 -28.95 -19.66 8.42
C GLU D 102 -29.70 -18.41 8.87
N GLN D 103 -29.01 -17.27 9.02
CA GLN D 103 -29.70 -16.04 9.41
C GLN D 103 -30.41 -15.37 8.23
N ALA D 104 -30.05 -15.72 7.00
CA ALA D 104 -30.53 -14.96 5.85
C ALA D 104 -32.06 -14.99 5.73
N ALA D 105 -32.65 -16.17 5.79
CA ALA D 105 -34.10 -16.32 5.61
C ALA D 105 -34.89 -15.58 6.69
N PRO D 106 -34.55 -15.80 7.98
CA PRO D 106 -35.33 -15.05 8.98
C PRO D 106 -35.12 -13.55 8.91
N VAL D 107 -33.90 -13.11 8.59
CA VAL D 107 -33.66 -11.67 8.46
C VAL D 107 -34.51 -11.10 7.33
N ALA D 108 -34.60 -11.82 6.22
CA ALA D 108 -35.33 -11.37 5.04
C ALA D 108 -36.84 -11.25 5.27
N GLU D 109 -37.38 -11.89 6.29
CA GLU D 109 -38.80 -11.70 6.60
C GLU D 109 -39.06 -10.30 7.03
N ILE D 110 -38.06 -9.66 7.64
CA ILE D 110 -38.27 -8.33 8.25
C ILE D 110 -37.50 -7.22 7.48
N ALA D 111 -36.23 -7.46 7.19
CA ALA D 111 -35.39 -6.46 6.53
C ALA D 111 -35.73 -6.41 5.03
N ASP D 112 -35.56 -5.23 4.44
CA ASP D 112 -35.81 -4.97 3.02
C ASP D 112 -34.54 -5.01 2.14
N VAL D 113 -33.39 -4.91 2.75
CA VAL D 113 -32.07 -5.12 2.09
C VAL D 113 -31.20 -5.91 3.04
N LEU D 114 -30.48 -6.92 2.50
CA LEU D 114 -29.55 -7.71 3.29
C LEU D 114 -28.16 -7.37 2.86
N GLN D 115 -27.28 -7.12 3.85
CA GLN D 115 -25.93 -6.73 3.60
C GLN D 115 -24.95 -7.87 3.87
N VAL D 116 -24.05 -8.10 2.91
CA VAL D 116 -22.95 -9.04 3.07
C VAL D 116 -21.79 -8.26 3.72
N PRO D 117 -21.34 -8.67 4.91
CA PRO D 117 -20.19 -7.97 5.52
C PRO D 117 -18.91 -8.04 4.71
N ALA D 118 -18.12 -6.96 4.79
CA ALA D 118 -16.87 -6.83 4.04
C ALA D 118 -15.95 -8.09 4.12
N PHE D 119 -15.65 -8.54 5.33
CA PHE D 119 -14.73 -9.67 5.48
C PHE D 119 -15.28 -10.95 4.87
N LEU D 120 -16.62 -11.02 4.73
CA LEU D 120 -17.29 -12.24 4.37
C LEU D 120 -17.72 -12.32 2.91
N ALA D 121 -17.38 -11.32 2.14
CA ALA D 121 -17.91 -11.21 0.78
C ALA D 121 -17.43 -12.30 -0.19
N ARG D 122 -16.38 -13.02 0.16
CA ARG D 122 -15.92 -14.13 -0.65
C ARG D 122 -16.50 -15.45 -0.21
N GLN D 123 -17.24 -15.49 0.88
CA GLN D 123 -17.76 -16.75 1.43
C GLN D 123 -19.00 -17.22 0.67
N THR D 124 -18.77 -18.17 -0.23
CA THR D 124 -19.77 -18.60 -1.21
C THR D 124 -21.10 -18.96 -0.57
N ASP D 125 -21.09 -19.77 0.47
CA ASP D 125 -22.35 -20.25 1.05
C ASP D 125 -23.13 -19.11 1.70
N LEU D 126 -22.42 -18.12 2.24
CA LEU D 126 -23.11 -16.97 2.89
C LEU D 126 -23.73 -16.08 1.84
N VAL D 127 -22.97 -15.79 0.80
CA VAL D 127 -23.47 -14.97 -0.31
C VAL D 127 -24.69 -15.65 -0.96
N VAL D 128 -24.58 -16.94 -1.24
CA VAL D 128 -25.64 -17.66 -1.90
C VAL D 128 -26.90 -17.73 -1.02
N ALA D 129 -26.73 -18.01 0.28
CA ALA D 129 -27.87 -18.04 1.20
C ALA D 129 -28.56 -16.64 1.30
N ILE D 130 -27.77 -15.56 1.30
CA ILE D 130 -28.30 -14.17 1.29
C ILE D 130 -29.03 -13.87 -0.02
N ALA D 131 -28.43 -14.23 -1.15
CA ALA D 131 -29.09 -14.03 -2.45
C ALA D 131 -30.39 -14.76 -2.51
N LYS D 132 -30.42 -16.01 -2.03
CA LYS D 132 -31.64 -16.84 -2.14
C LYS D 132 -32.78 -16.28 -1.31
N ALA D 133 -32.49 -15.51 -0.27
CA ALA D 133 -33.56 -15.04 0.62
C ALA D 133 -34.48 -14.07 -0.11
N GLY D 134 -34.08 -13.61 -1.29
CA GLY D 134 -34.98 -12.92 -2.21
C GLY D 134 -35.11 -11.40 -2.05
N LYS D 135 -34.29 -10.77 -1.22
CA LYS D 135 -34.29 -9.30 -1.11
C LYS D 135 -33.05 -8.72 -1.83
N PRO D 136 -33.08 -7.41 -2.16
CA PRO D 136 -31.87 -6.76 -2.62
C PRO D 136 -30.71 -7.01 -1.66
N VAL D 137 -29.51 -7.16 -2.23
CA VAL D 137 -28.27 -7.44 -1.52
C VAL D 137 -27.37 -6.21 -1.63
N ASN D 138 -26.82 -5.76 -0.50
CA ASN D 138 -25.78 -4.76 -0.46
C ASN D 138 -24.46 -5.49 -0.14
N VAL D 139 -23.55 -5.58 -1.11
CA VAL D 139 -22.25 -6.24 -0.88
C VAL D 139 -21.23 -5.18 -0.41
N LYS D 140 -20.77 -5.26 0.84
CA LYS D 140 -19.68 -4.42 1.26
C LYS D 140 -18.39 -4.94 0.60
N LYS D 141 -17.73 -4.07 -0.17
CA LYS D 141 -16.49 -4.39 -0.84
C LYS D 141 -15.40 -4.56 0.19
N PRO D 142 -14.82 -5.77 0.30
CA PRO D 142 -13.76 -5.96 1.24
C PRO D 142 -12.59 -5.00 1.03
N GLN D 143 -11.93 -4.69 2.14
CA GLN D 143 -10.74 -3.86 2.16
C GLN D 143 -9.64 -4.52 1.31
N PHE D 144 -9.74 -5.84 1.12
CA PHE D 144 -8.73 -6.61 0.38
C PHE D 144 -9.05 -6.85 -1.10
N MET D 145 -10.22 -6.37 -1.56
CA MET D 145 -10.72 -6.72 -2.89
C MET D 145 -10.64 -5.55 -3.86
N SER D 146 -10.07 -5.79 -5.03
CA SER D 146 -9.98 -4.76 -6.02
C SER D 146 -11.39 -4.54 -6.62
N PRO D 147 -11.67 -3.31 -7.11
CA PRO D 147 -12.99 -2.99 -7.64
C PRO D 147 -13.43 -3.85 -8.84
N THR D 148 -12.50 -4.36 -9.62
CA THR D 148 -12.85 -5.18 -10.79
C THR D 148 -13.12 -6.65 -10.40
N GLN D 149 -13.07 -6.97 -9.13
CA GLN D 149 -13.34 -8.34 -8.67
C GLN D 149 -14.72 -8.52 -8.04
N LEU D 150 -15.47 -7.42 -7.83
CA LEU D 150 -16.83 -7.56 -7.31
C LEU D 150 -17.74 -8.38 -8.23
N LYS D 151 -17.49 -8.32 -9.54
CA LYS D 151 -18.33 -9.06 -10.51
C LYS D 151 -18.54 -10.53 -10.11
N HIS D 152 -17.55 -11.15 -9.50
CA HIS D 152 -17.67 -12.55 -9.09
C HIS D 152 -18.64 -12.71 -7.96
N VAL D 153 -18.76 -11.71 -7.07
CA VAL D 153 -19.76 -11.79 -6.02
C VAL D 153 -21.16 -11.62 -6.61
N VAL D 154 -21.30 -10.68 -7.53
CA VAL D 154 -22.56 -10.44 -8.25
C VAL D 154 -23.01 -11.71 -8.99
N SER D 155 -22.06 -12.39 -9.62
CA SER D 155 -22.34 -13.66 -10.32
C SER D 155 -22.79 -14.74 -9.42
N LYS D 156 -22.23 -14.85 -8.22
CA LYS D 156 -22.75 -15.84 -7.27
C LYS D 156 -24.25 -15.60 -7.02
N CYS D 157 -24.62 -14.35 -6.77
CA CYS D 157 -26.01 -13.98 -6.52
C CYS D 157 -26.89 -14.27 -7.73
N GLY D 158 -26.39 -13.93 -8.91
CA GLY D 158 -27.13 -14.14 -10.16
C GLY D 158 -27.37 -15.61 -10.42
N GLU D 159 -26.38 -16.44 -10.05
CA GLU D 159 -26.47 -17.87 -10.25
C GLU D 159 -27.66 -18.49 -9.51
N VAL D 160 -28.07 -17.91 -8.38
CA VAL D 160 -29.23 -18.43 -7.67
C VAL D 160 -30.47 -17.55 -7.88
N GLY D 161 -30.45 -16.68 -8.89
CA GLY D 161 -31.65 -15.97 -9.30
C GLY D 161 -31.89 -14.58 -8.70
N ASN D 162 -30.88 -13.98 -8.07
CA ASN D 162 -31.05 -12.66 -7.50
C ASN D 162 -30.21 -11.67 -8.29
N ASP D 163 -30.90 -10.84 -9.05
CA ASP D 163 -30.29 -9.82 -9.89
C ASP D 163 -30.18 -8.48 -9.16
N ARG D 164 -30.69 -8.38 -7.95
CA ARG D 164 -30.84 -7.09 -7.32
C ARG D 164 -29.71 -6.81 -6.36
N VAL D 165 -28.57 -6.44 -6.93
CA VAL D 165 -27.32 -6.40 -6.17
C VAL D 165 -26.72 -5.03 -6.23
N MET D 166 -26.35 -4.53 -5.08
CA MET D 166 -25.73 -3.21 -4.99
C MET D 166 -24.34 -3.41 -4.39
N LEU D 167 -23.43 -2.49 -4.71
CA LEU D 167 -22.01 -2.64 -4.36
C LEU D 167 -21.59 -1.46 -3.51
N CYS D 168 -21.07 -1.72 -2.33
CA CYS D 168 -20.83 -0.68 -1.36
C CYS D 168 -19.33 -0.51 -1.03
N GLU D 169 -18.79 0.62 -1.42
CA GLU D 169 -17.42 1.03 -1.13
C GLU D 169 -17.22 1.37 0.34
N ARG D 170 -16.16 0.81 0.96
CA ARG D 170 -15.79 1.19 2.33
CA ARG D 170 -15.79 1.23 2.32
C ARG D 170 -14.29 1.35 2.54
N GLY D 171 -13.57 1.56 1.47
CA GLY D 171 -12.13 1.78 1.56
C GLY D 171 -11.30 0.58 1.26
N SER D 172 -10.03 0.83 0.92
CA SER D 172 -9.07 -0.21 0.59
C SER D 172 -7.90 -0.15 1.58
N SER D 173 -7.35 -1.31 1.95
CA SER D 173 -6.20 -1.35 2.85
C SER D 173 -5.03 -0.57 2.27
N PHE D 174 -4.47 0.31 3.11
CA PHE D 174 -3.43 1.21 2.70
C PHE D 174 -2.38 1.16 3.79
N GLY D 175 -1.38 0.32 3.59
CA GLY D 175 -0.43 0.00 4.66
C GLY D 175 -1.15 -0.70 5.78
N TYR D 176 -0.63 -0.57 7.01
CA TYR D 176 -1.23 -1.20 8.13
C TYR D 176 -2.22 -0.24 8.77
N ASP D 177 -3.36 -0.76 9.23
CA ASP D 177 -4.23 -0.02 10.12
C ASP D 177 -4.77 1.29 9.54
N ASN D 178 -4.90 1.36 8.21
CA ASN D 178 -5.41 2.54 7.56
C ASN D 178 -6.14 2.19 6.27
N LEU D 179 -7.04 3.08 5.85
CA LEU D 179 -7.82 2.88 4.62
C LEU D 179 -7.68 4.12 3.77
N VAL D 180 -7.68 3.91 2.46
CA VAL D 180 -7.87 4.97 1.50
C VAL D 180 -9.02 4.58 0.61
N VAL D 181 -9.77 5.59 0.15
CA VAL D 181 -10.82 5.40 -0.84
C VAL D 181 -10.29 5.85 -2.23
N ASP D 182 -10.22 4.89 -3.13
CA ASP D 182 -9.90 5.14 -4.50
C ASP D 182 -11.19 5.51 -5.25
N MET D 183 -11.35 6.79 -5.54
CA MET D 183 -12.56 7.26 -6.18
C MET D 183 -12.68 6.76 -7.64
N LEU D 184 -11.62 6.21 -8.19
CA LEU D 184 -11.66 5.60 -9.55
C LEU D 184 -12.35 4.25 -9.55
N GLY D 185 -12.52 3.66 -8.38
CA GLY D 185 -13.12 2.33 -8.29
C GLY D 185 -14.62 2.28 -8.59
N PHE D 186 -15.33 3.39 -8.35
CA PHE D 186 -16.77 3.39 -8.46
C PHE D 186 -17.19 3.01 -9.88
N ARG D 187 -16.60 3.68 -10.85
CA ARG D 187 -16.88 3.39 -12.23
C ARG D 187 -16.48 1.93 -12.58
N GLN D 188 -15.35 1.47 -12.07
CA GLN D 188 -14.92 0.12 -12.38
C GLN D 188 -15.92 -0.90 -11.83
N MET D 189 -16.44 -0.64 -10.64
CA MET D 189 -17.45 -1.53 -10.09
C MET D 189 -18.73 -1.57 -10.97
N ALA D 190 -19.21 -0.40 -11.36
CA ALA D 190 -20.43 -0.29 -12.17
C ALA D 190 -20.25 -0.94 -13.55
N GLU D 191 -19.17 -0.62 -14.25
CA GLU D 191 -18.95 -1.08 -15.63
C GLU D 191 -18.63 -2.54 -15.76
N THR D 192 -18.03 -3.14 -14.75
CA THR D 192 -17.66 -4.53 -14.88
C THR D 192 -18.80 -5.41 -14.34
N THR D 193 -19.88 -4.83 -13.82
CA THR D 193 -20.99 -5.65 -13.30
C THR D 193 -22.33 -5.36 -14.02
N GLY D 194 -22.28 -4.75 -15.19
CA GLY D 194 -23.52 -4.41 -15.93
C GLY D 194 -24.34 -3.27 -15.34
N GLY D 195 -23.68 -2.41 -14.58
CA GLY D 195 -24.33 -1.24 -14.02
C GLY D 195 -25.02 -1.38 -12.66
N CYS D 196 -24.55 -2.31 -11.84
CA CYS D 196 -25.05 -2.41 -10.47
C CYS D 196 -24.95 -1.06 -9.77
N PRO D 197 -25.96 -0.70 -8.97
CA PRO D 197 -25.87 0.49 -8.12
C PRO D 197 -24.64 0.48 -7.21
N VAL D 198 -23.90 1.59 -7.18
CA VAL D 198 -22.75 1.70 -6.29
C VAL D 198 -23.08 2.65 -5.14
N ILE D 199 -22.71 2.23 -3.93
CA ILE D 199 -23.06 2.93 -2.69
C ILE D 199 -21.76 3.28 -1.99
N PHE D 200 -21.68 4.45 -1.37
CA PHE D 200 -20.46 4.86 -0.67
C PHE D 200 -20.71 4.88 0.83
N ASP D 201 -20.02 3.97 1.54
CA ASP D 201 -20.04 3.94 2.99
C ASP D 201 -18.98 4.89 3.50
N VAL D 202 -19.38 6.13 3.71
CA VAL D 202 -18.44 7.15 4.13
C VAL D 202 -17.98 6.89 5.56
N THR D 203 -18.85 6.33 6.40
CA THR D 203 -18.50 6.04 7.80
C THR D 203 -17.36 5.02 7.95
N HIS D 204 -17.50 3.85 7.37
CA HIS D 204 -16.45 2.85 7.50
C HIS D 204 -15.23 3.13 6.71
N SER D 205 -15.33 3.98 5.69
CA SER D 205 -14.18 4.42 4.95
C SER D 205 -13.26 5.33 5.78
N LEU D 206 -13.79 5.86 6.89
CA LEU D 206 -13.01 6.74 7.76
C LEU D 206 -12.24 5.97 8.82
N GLN D 207 -12.39 4.64 8.87
CA GLN D 207 -11.73 3.82 9.90
CA GLN D 207 -11.74 3.87 9.93
C GLN D 207 -10.21 3.90 9.77
N CYS D 208 -9.54 3.80 10.90
CA CYS D 208 -8.09 3.65 10.95
C CYS D 208 -7.86 3.16 12.37
N ARG D 209 -6.66 2.73 12.71
CA ARG D 209 -6.41 2.29 14.08
C ARG D 209 -5.01 2.49 14.57
N ASP D 210 -4.89 2.48 15.89
CA ASP D 210 -3.63 2.42 16.60
C ASP D 210 -3.11 0.97 16.46
N PRO D 211 -1.80 0.77 16.22
CA PRO D 211 -1.27 -0.61 16.03
C PRO D 211 -1.51 -1.55 17.23
N LEU D 212 -1.61 -0.98 18.43
CA LEU D 212 -1.83 -1.75 19.65
C LEU D 212 -3.23 -1.62 20.24
N GLY D 213 -4.10 -0.82 19.62
CA GLY D 213 -5.48 -0.61 20.11
C GLY D 213 -6.32 -1.88 20.15
N ASP D 214 -7.42 -1.82 20.89
CA ASP D 214 -8.36 -2.96 20.93
C ASP D 214 -9.75 -2.66 20.32
N ALA D 215 -9.95 -1.45 19.79
CA ALA D 215 -11.17 -1.08 19.05
C ALA D 215 -10.74 -0.11 17.94
N SER D 216 -11.57 0.04 16.91
CA SER D 216 -11.21 0.87 15.77
C SER D 216 -11.09 2.31 16.15
N GLY D 217 -10.10 2.98 15.55
CA GLY D 217 -10.08 4.44 15.49
C GLY D 217 -10.99 4.87 14.34
N GLY D 218 -10.87 6.14 13.97
CA GLY D 218 -11.76 6.71 12.97
C GLY D 218 -11.63 8.21 12.88
N ARG D 219 -12.17 8.78 11.80
CA ARG D 219 -11.89 10.17 11.43
C ARG D 219 -13.17 10.95 11.10
N ARG D 220 -14.14 10.92 12.01
CA ARG D 220 -15.41 11.65 11.82
C ARG D 220 -15.28 13.14 11.51
N ARG D 221 -14.22 13.80 12.00
CA ARG D 221 -14.03 15.23 11.70
C ARG D 221 -13.93 15.51 10.18
N GLN D 222 -13.60 14.47 9.38
CA GLN D 222 -13.42 14.61 7.93
C GLN D 222 -14.54 14.00 7.08
N VAL D 223 -15.67 13.66 7.71
CA VAL D 223 -16.74 13.01 6.98
C VAL D 223 -17.26 13.86 5.78
N LEU D 224 -17.35 15.18 5.94
CA LEU D 224 -17.88 16.02 4.87
C LEU D 224 -16.92 16.07 3.68
N ASP D 225 -15.62 16.16 3.92
CA ASP D 225 -14.64 16.15 2.86
C ASP D 225 -14.86 14.91 1.99
N LEU D 226 -14.92 13.75 2.63
CA LEU D 226 -14.93 12.49 1.91
C LEU D 226 -16.28 12.22 1.27
N ALA D 227 -17.37 12.58 1.98
CA ALA D 227 -18.73 12.42 1.48
C ALA D 227 -18.97 13.32 0.24
N ARG D 228 -18.48 14.56 0.30
CA ARG D 228 -18.57 15.46 -0.85
C ARG D 228 -17.89 14.84 -2.08
N ALA D 229 -16.68 14.31 -1.87
CA ALA D 229 -15.89 13.75 -2.95
C ALA D 229 -16.63 12.57 -3.62
N GLY D 230 -17.12 11.67 -2.80
CA GLY D 230 -17.79 10.47 -3.30
C GLY D 230 -19.08 10.79 -4.02
N ILE D 231 -19.89 11.65 -3.43
CA ILE D 231 -21.20 11.98 -4.02
C ILE D 231 -20.99 12.70 -5.35
N ALA D 232 -19.90 13.48 -5.51
CA ALA D 232 -19.63 14.19 -6.77
C ALA D 232 -19.35 13.25 -7.92
N VAL D 233 -18.83 12.07 -7.60
CA VAL D 233 -18.51 11.13 -8.70
C VAL D 233 -19.79 10.74 -9.48
N GLY D 234 -20.93 10.69 -8.77
CA GLY D 234 -22.17 10.25 -9.36
C GLY D 234 -22.44 8.81 -9.01
N ILE D 235 -23.18 8.59 -7.92
CA ILE D 235 -23.35 7.24 -7.38
C ILE D 235 -24.78 7.05 -6.95
N ALA D 236 -25.15 5.80 -6.71
CA ALA D 236 -26.55 5.39 -6.40
C ALA D 236 -26.94 5.66 -4.93
N GLY D 237 -25.98 5.64 -4.02
CA GLY D 237 -26.33 5.83 -2.60
C GLY D 237 -25.20 6.23 -1.69
N LEU D 238 -25.57 6.72 -0.50
CA LEU D 238 -24.62 7.06 0.54
C LEU D 238 -25.02 6.21 1.75
N PHE D 239 -24.02 5.63 2.42
CA PHE D 239 -24.24 4.81 3.61
C PHE D 239 -23.54 5.56 4.76
N LEU D 240 -24.29 5.83 5.84
CA LEU D 240 -23.89 6.78 6.87
C LEU D 240 -24.40 6.31 8.21
N GLU D 241 -23.52 6.31 9.23
CA GLU D 241 -23.93 6.10 10.61
C GLU D 241 -23.77 7.38 11.41
N ALA D 242 -24.65 7.55 12.39
CA ALA D 242 -24.61 8.70 13.27
C ALA D 242 -24.88 8.30 14.71
N HIS D 243 -24.67 9.23 15.64
CA HIS D 243 -24.95 9.05 17.06
C HIS D 243 -25.06 10.42 17.71
N PRO D 244 -25.94 10.59 18.71
CA PRO D 244 -26.06 11.92 19.32
C PRO D 244 -24.79 12.35 20.04
N ASP D 245 -24.02 11.40 20.53
CA ASP D 245 -22.75 11.68 21.17
C ASP D 245 -21.73 10.61 20.75
N PRO D 246 -21.03 10.82 19.63
CA PRO D 246 -20.23 9.70 19.11
C PRO D 246 -19.17 9.11 20.05
N ASP D 247 -18.61 9.93 20.94
CA ASP D 247 -17.69 9.44 21.98
C ASP D 247 -18.28 8.37 22.90
N ARG D 248 -19.60 8.32 23.04
CA ARG D 248 -20.22 7.29 23.85
C ARG D 248 -20.81 6.13 23.02
N ALA D 249 -20.70 6.19 21.69
CA ALA D 249 -21.17 5.09 20.86
C ALA D 249 -20.44 3.80 21.27
N ARG D 250 -21.11 2.65 21.24
CA ARG D 250 -20.52 1.40 21.68
C ARG D 250 -19.78 0.63 20.57
N CYS D 251 -19.90 1.14 19.34
CA CYS D 251 -19.11 0.63 18.20
C CYS D 251 -18.99 1.71 17.10
N ASP D 252 -17.77 1.87 16.62
CA ASP D 252 -17.44 2.83 15.56
C ASP D 252 -17.78 4.30 15.85
N GLY D 253 -17.82 4.67 17.13
CA GLY D 253 -17.98 6.04 17.52
C GLY D 253 -16.97 6.99 16.88
N PRO D 254 -15.69 6.55 16.77
CA PRO D 254 -14.74 7.49 16.17
C PRO D 254 -15.04 7.91 14.71
N SER D 255 -15.88 7.13 14.00
CA SER D 255 -16.28 7.49 12.62
C SER D 255 -17.72 7.98 12.48
N ALA D 256 -18.49 7.98 13.57
CA ALA D 256 -19.90 8.33 13.52
C ALA D 256 -20.13 9.85 13.38
N LEU D 257 -21.11 10.23 12.54
CA LEU D 257 -21.55 11.61 12.46
C LEU D 257 -22.32 12.02 13.69
N PRO D 258 -21.97 13.15 14.31
CA PRO D 258 -22.83 13.63 15.41
C PRO D 258 -24.22 13.90 14.86
N LEU D 259 -25.23 13.31 15.46
CA LEU D 259 -26.59 13.32 14.88
C LEU D 259 -27.17 14.72 14.63
N HIS D 260 -26.87 15.69 15.49
CA HIS D 260 -27.33 17.05 15.24
C HIS D 260 -26.78 17.66 13.97
N GLN D 261 -25.75 17.06 13.37
CA GLN D 261 -25.24 17.57 12.09
C GLN D 261 -25.79 16.89 10.84
N LEU D 262 -26.83 16.06 11.01
CA LEU D 262 -27.35 15.26 9.92
C LEU D 262 -27.90 16.14 8.80
N GLU D 263 -28.70 17.14 9.15
CA GLU D 263 -29.31 17.98 8.14
C GLU D 263 -28.23 18.79 7.37
N GLY D 264 -27.26 19.34 8.10
CA GLY D 264 -26.18 20.09 7.48
C GLY D 264 -25.41 19.22 6.48
N LEU D 265 -25.12 17.97 6.83
CA LEU D 265 -24.46 17.09 5.88
C LEU D 265 -25.34 16.74 4.66
N LEU D 266 -26.57 16.28 4.93
CA LEU D 266 -27.44 15.83 3.86
C LEU D 266 -27.84 16.95 2.88
N SER D 267 -27.97 18.20 3.34
CA SER D 267 -28.26 19.27 2.39
C SER D 267 -27.08 19.49 1.44
N GLN D 268 -25.86 19.27 1.90
CA GLN D 268 -24.71 19.36 0.97
C GLN D 268 -24.68 18.20 -0.02
N MET D 269 -25.00 17.00 0.46
CA MET D 269 -25.03 15.83 -0.40
C MET D 269 -26.13 15.98 -1.45
N LYS D 270 -27.32 16.40 -1.06
CA LYS D 270 -28.40 16.57 -2.05
C LYS D 270 -28.01 17.62 -3.09
N ALA D 271 -27.43 18.74 -2.65
CA ALA D 271 -27.12 19.84 -3.57
C ALA D 271 -26.08 19.32 -4.60
N ILE D 272 -25.05 18.62 -4.12
CA ILE D 272 -24.02 18.13 -5.05
C ILE D 272 -24.62 17.07 -5.96
N ASP D 273 -25.35 16.14 -5.36
CA ASP D 273 -25.97 15.04 -6.12
C ASP D 273 -26.90 15.56 -7.22
N ASP D 274 -27.76 16.51 -6.89
CA ASP D 274 -28.70 17.05 -7.88
C ASP D 274 -27.93 17.72 -9.02
N LEU D 275 -26.82 18.38 -8.71
CA LEU D 275 -26.03 19.02 -9.76
C LEU D 275 -25.40 17.98 -10.68
N VAL D 276 -24.66 17.03 -10.12
CA VAL D 276 -23.85 16.09 -10.94
C VAL D 276 -24.75 15.14 -11.72
N LYS D 277 -25.89 14.77 -11.14
CA LYS D 277 -26.87 13.91 -11.83
C LYS D 277 -27.53 14.52 -13.07
N ARG D 278 -27.44 15.84 -13.25
CA ARG D 278 -27.91 16.44 -14.49
C ARG D 278 -26.79 16.90 -15.41
N MET D 279 -25.56 16.52 -15.12
CA MET D 279 -24.43 16.83 -16.01
C MET D 279 -24.05 15.54 -16.79
N PRO D 280 -23.81 15.65 -18.10
CA PRO D 280 -23.43 14.44 -18.87
C PRO D 280 -22.07 13.81 -18.50
N ALA D 281 -21.95 12.50 -18.75
CA ALA D 281 -20.62 11.85 -18.82
C ALA D 281 -19.97 12.45 -20.05
N LEU D 282 -18.66 12.50 -20.02
CA LEU D 282 -17.95 12.77 -21.23
C LEU D 282 -17.41 11.41 -21.66
N GLU D 283 -17.52 11.13 -22.93
CA GLU D 283 -16.86 9.96 -23.49
C GLU D 283 -15.43 10.44 -23.74
N ILE D 284 -14.51 10.12 -22.83
CA ILE D 284 -13.09 10.42 -23.03
C ILE D 284 -12.42 9.14 -23.55
N ARG D 285 -11.91 9.19 -24.80
CA ARG D 285 -11.23 8.05 -25.44
C ARG D 285 -9.70 8.19 -25.40
#